data_3KCM
#
_entry.id   3KCM
#
_cell.length_a   51.986
_cell.length_b   74.555
_cell.length_c   82.410
_cell.angle_alpha   100.66
_cell.angle_beta   109.05
_cell.angle_gamma   99.07
#
_symmetry.space_group_name_H-M   'P 1'
#
loop_
_entity.id
_entity.type
_entity.pdbx_description
1 polymer 'Thioredoxin family protein'
2 non-polymer 'SULFATE ION'
3 water water
#
_entity_poly.entity_id   1
_entity_poly.type   'polypeptide(L)'
_entity_poly.pdbx_seq_one_letter_code
;(MSE)SLEENPAPDFTLNTLNGEVVKLSDLKGQVVIVNFWATWCPPCREEIPS(MSE)(MSE)RLNAA(MSE)AGKPFR
(MSE)LCVSIDEGGKVAVEEFFRKTGFTLPVLLDADKRVGKLYGTTGVPETFVIDRHGVILKKVVGA(MSE)EWDHPEVI
AFLNNELSKAREGHHHHHH
;
_entity_poly.pdbx_strand_id   A,B,C,D,E,F
#
loop_
_chem_comp.id
_chem_comp.type
_chem_comp.name
_chem_comp.formula
SO4 non-polymer 'SULFATE ION' 'O4 S -2'
#
# COMPACT_ATOMS: atom_id res chain seq x y z
N LEU A 3 14.64 0.03 -27.16
CA LEU A 3 14.51 -0.89 -25.96
C LEU A 3 13.10 -1.49 -25.93
N GLU A 4 12.14 -0.63 -26.25
CA GLU A 4 10.71 -0.90 -26.22
C GLU A 4 10.31 -1.90 -27.33
N GLU A 5 9.63 -2.97 -26.93
CA GLU A 5 9.21 -4.09 -27.82
C GLU A 5 10.27 -5.15 -28.10
N ASN A 6 11.42 -4.97 -27.47
CA ASN A 6 12.50 -5.97 -27.43
C ASN A 6 12.81 -6.47 -25.99
N PRO A 7 13.13 -7.77 -25.83
CA PRO A 7 13.38 -8.34 -24.52
C PRO A 7 14.36 -7.50 -23.68
N ALA A 8 13.97 -7.31 -22.42
CA ALA A 8 14.74 -6.57 -21.38
C ALA A 8 16.17 -7.09 -21.16
N PRO A 9 17.14 -6.18 -21.12
CA PRO A 9 18.51 -6.59 -20.78
C PRO A 9 18.62 -7.20 -19.36
N ASP A 10 19.33 -8.32 -19.24
CA ASP A 10 19.43 -9.04 -17.94
C ASP A 10 20.31 -8.28 -16.95
N PHE A 11 20.07 -8.50 -15.66
CA PHE A 11 20.93 -7.93 -14.66
C PHE A 11 20.71 -8.67 -13.35
N THR A 12 21.72 -8.62 -12.49
CA THR A 12 21.70 -9.26 -11.19
C THR A 12 22.10 -8.18 -10.17
N LEU A 13 21.27 -7.93 -9.16
CA LEU A 13 21.63 -6.93 -8.11
C LEU A 13 21.20 -7.28 -6.68
N ASN A 14 21.92 -6.73 -5.71
CA ASN A 14 21.61 -6.92 -4.29
C ASN A 14 20.34 -6.21 -3.80
N THR A 15 19.63 -6.87 -2.91
CA THR A 15 18.46 -6.41 -2.18
C THR A 15 18.96 -5.60 -0.96
N LEU A 16 18.03 -5.01 -0.18
CA LEU A 16 18.43 -4.34 1.06
C LEU A 16 19.04 -5.25 2.10
N ASN A 17 18.77 -6.55 1.98
CA ASN A 17 19.16 -7.53 2.99
C ASN A 17 19.99 -8.69 2.44
N GLY A 18 21.06 -8.35 1.74
CA GLY A 18 22.06 -9.32 1.28
C GLY A 18 21.64 -10.33 0.22
N GLU A 19 20.37 -10.28 -0.20
CA GLU A 19 19.85 -11.21 -1.17
C GLU A 19 20.17 -10.71 -2.60
N VAL A 20 19.96 -11.54 -3.63
CA VAL A 20 20.29 -11.15 -5.00
C VAL A 20 19.14 -11.59 -5.92
N VAL A 21 18.82 -10.79 -6.94
CA VAL A 21 17.65 -11.03 -7.81
C VAL A 21 18.12 -10.92 -9.24
N LYS A 22 17.86 -11.96 -10.03
CA LYS A 22 18.28 -11.98 -11.43
C LYS A 22 17.10 -11.94 -12.40
N LEU A 23 16.89 -10.83 -13.10
CA LEU A 23 15.71 -10.65 -13.94
C LEU A 23 15.29 -11.82 -14.84
N SER A 24 16.23 -12.64 -15.32
CA SER A 24 15.89 -13.86 -16.13
C SER A 24 15.02 -14.96 -15.41
N ASP A 25 15.27 -15.19 -14.12
CA ASP A 25 14.53 -16.16 -13.31
C ASP A 25 13.17 -15.64 -12.98
N LEU A 26 12.74 -14.59 -13.65
CA LEU A 26 11.45 -14.01 -13.39
C LEU A 26 10.55 -14.17 -14.56
N LYS A 27 10.98 -14.93 -15.54
CA LYS A 27 10.09 -15.38 -16.61
C LYS A 27 8.89 -16.04 -16.09
N GLY A 28 7.74 -15.65 -16.56
CA GLY A 28 6.53 -16.22 -16.08
C GLY A 28 5.73 -15.27 -15.27
N GLN A 29 6.35 -14.17 -14.94
CA GLN A 29 5.71 -13.16 -14.17
C GLN A 29 5.85 -11.85 -14.85
N VAL A 30 4.90 -10.99 -14.60
CA VAL A 30 5.01 -9.62 -15.05
C VAL A 30 5.95 -8.84 -14.11
N VAL A 31 6.85 -8.04 -14.68
CA VAL A 31 7.82 -7.21 -13.91
C VAL A 31 7.79 -5.70 -14.25
N ILE A 32 7.88 -4.89 -13.22
CA ILE A 32 8.11 -3.45 -13.33
C ILE A 32 9.51 -3.08 -12.83
N VAL A 33 10.37 -2.71 -13.77
CA VAL A 33 11.66 -2.14 -13.36
C VAL A 33 11.59 -0.58 -13.29
N ASN A 34 11.72 -0.06 -12.09
CA ASN A 34 11.62 1.38 -11.84
C ASN A 34 12.96 1.91 -11.35
N PHE A 35 13.41 3.02 -11.94
CA PHE A 35 14.69 3.63 -11.55
C PHE A 35 14.41 4.86 -10.77
N TRP A 36 14.98 4.98 -9.57
CA TRP A 36 14.57 6.07 -8.69
C TRP A 36 15.73 6.53 -7.82
N ALA A 37 15.54 7.59 -7.05
CA ALA A 37 16.57 8.04 -6.11
C ALA A 37 16.00 8.85 -4.95
N THR A 38 16.64 8.79 -3.80
CA THR A 38 16.07 9.46 -2.60
C THR A 38 15.99 10.97 -2.76
N TRP A 39 16.98 11.56 -3.46
CA TRP A 39 17.07 13.03 -3.73
C TRP A 39 16.21 13.61 -4.90
N CYS A 40 15.31 12.80 -5.45
CA CYS A 40 14.49 13.21 -6.60
C CYS A 40 13.03 13.51 -6.20
N PRO A 41 12.62 14.79 -6.25
CA PRO A 41 11.28 15.11 -5.70
C PRO A 41 10.11 14.43 -6.41
N PRO A 42 10.18 14.26 -7.75
CA PRO A 42 9.15 13.46 -8.42
C PRO A 42 9.16 11.98 -8.01
N CYS A 43 10.34 11.37 -7.87
CA CYS A 43 10.46 10.01 -7.37
C CYS A 43 9.67 9.83 -6.09
N ARG A 44 9.80 10.77 -5.17
CA ARG A 44 9.13 10.72 -3.91
C ARG A 44 7.64 11.03 -4.02
N GLU A 45 7.25 11.82 -5.00
CA GLU A 45 5.83 12.11 -5.23
C GLU A 45 5.05 10.82 -5.58
N GLU A 46 5.66 9.92 -6.33
CA GLU A 46 4.92 8.76 -6.86
C GLU A 46 5.10 7.51 -6.03
N ILE A 47 5.96 7.55 -5.00
CA ILE A 47 6.17 6.35 -4.14
C ILE A 47 4.88 5.87 -3.48
N PRO A 48 4.13 6.79 -2.86
CA PRO A 48 2.90 6.34 -2.25
C PRO A 48 1.99 5.57 -3.25
N SER A 49 1.94 5.99 -4.51
CA SER A 49 1.06 5.35 -5.45
C SER A 49 1.65 4.02 -5.97
N MSE A 50 2.95 3.86 -5.78
CA MSE A 50 3.64 2.61 -6.16
C MSE A 50 3.50 1.51 -5.07
O MSE A 50 3.43 0.29 -5.36
CB MSE A 50 5.09 2.92 -6.50
CG MSE A 50 5.46 2.50 -7.92
SE MSE A 50 6.94 3.59 -8.65
CE MSE A 50 8.37 3.23 -7.33
N MSE A 51 3.41 1.94 -3.82
CA MSE A 51 3.07 1.04 -2.74
C MSE A 51 1.64 0.49 -2.85
O MSE A 51 1.40 -0.67 -2.53
CB MSE A 51 3.28 1.74 -1.41
CG MSE A 51 4.71 1.94 -1.10
SE MSE A 51 4.93 2.99 0.49
CE MSE A 51 4.38 1.69 1.81
N ARG A 52 0.71 1.32 -3.30
CA ARG A 52 -0.63 0.82 -3.50
C ARG A 52 -0.69 -0.12 -4.70
N LEU A 53 0.22 0.00 -5.66
CA LEU A 53 0.22 -0.96 -6.75
C LEU A 53 0.77 -2.32 -6.26
N ASN A 54 1.76 -2.26 -5.38
CA ASN A 54 2.31 -3.47 -4.77
C ASN A 54 1.36 -4.31 -3.91
N ALA A 55 0.63 -3.66 -3.00
CA ALA A 55 -0.36 -4.35 -2.18
C ALA A 55 -1.44 -5.02 -3.01
N ALA A 56 -1.94 -4.32 -4.04
CA ALA A 56 -2.98 -4.84 -4.89
C ALA A 56 -2.58 -6.13 -5.62
N MSE A 57 -1.28 -6.40 -5.69
CA MSE A 57 -0.75 -7.52 -6.48
C MSE A 57 -0.25 -8.73 -5.62
O MSE A 57 0.15 -9.74 -6.18
CB MSE A 57 0.38 -7.04 -7.45
CG MSE A 57 -0.05 -6.12 -8.63
SE MSE A 57 -1.07 -7.11 -9.98
CE MSE A 57 -1.69 -5.67 -11.14
N ALA A 58 -0.32 -8.62 -4.30
CA ALA A 58 0.10 -9.71 -3.35
C ALA A 58 -0.55 -11.10 -3.56
N GLY A 59 0.27 -12.15 -3.74
CA GLY A 59 -0.23 -13.46 -4.21
C GLY A 59 -0.30 -13.66 -5.74
N LYS A 60 -0.21 -12.58 -6.52
CA LYS A 60 -0.27 -12.69 -7.98
C LYS A 60 1.16 -12.88 -8.58
N PRO A 61 1.27 -13.46 -9.81
CA PRO A 61 2.56 -13.65 -10.47
C PRO A 61 3.10 -12.33 -11.01
N PHE A 62 3.64 -11.57 -10.09
CA PHE A 62 4.00 -10.19 -10.34
C PHE A 62 5.19 -9.82 -9.43
N ARG A 63 6.15 -9.11 -10.01
CA ARG A 63 7.29 -8.60 -9.24
C ARG A 63 7.62 -7.16 -9.62
N MSE A 64 7.79 -6.33 -8.60
CA MSE A 64 8.15 -4.92 -8.77
C MSE A 64 9.55 -4.78 -8.24
O MSE A 64 9.88 -5.34 -7.18
CB MSE A 64 7.20 -4.01 -8.00
CG MSE A 64 7.62 -2.53 -7.95
SE MSE A 64 6.24 -1.40 -7.11
CE MSE A 64 7.37 -0.35 -5.95
N LEU A 65 10.41 -4.08 -9.01
CA LEU A 65 11.82 -3.94 -8.66
C LEU A 65 12.18 -2.46 -8.64
N CYS A 66 12.42 -1.89 -7.46
CA CYS A 66 12.68 -0.45 -7.42
C CYS A 66 14.15 -0.21 -7.29
N VAL A 67 14.81 -0.02 -8.44
CA VAL A 67 16.24 0.15 -8.54
C VAL A 67 16.70 1.55 -8.03
N SER A 68 17.49 1.57 -6.95
CA SER A 68 18.00 2.86 -6.48
C SER A 68 19.35 3.17 -7.06
N ILE A 69 19.54 4.43 -7.51
CA ILE A 69 20.81 4.89 -8.04
C ILE A 69 21.56 5.78 -7.06
N ASP A 70 21.03 5.91 -5.86
CA ASP A 70 21.72 6.66 -4.80
C ASP A 70 23.16 6.22 -4.64
N GLU A 71 24.08 7.18 -4.68
CA GLU A 71 25.51 6.88 -4.44
C GLU A 71 25.70 6.32 -3.01
N GLY A 72 24.78 6.69 -2.11
CA GLY A 72 24.77 6.22 -0.73
C GLY A 72 24.21 4.82 -0.44
N GLY A 73 23.69 4.12 -1.46
CA GLY A 73 23.22 2.72 -1.31
C GLY A 73 22.16 2.44 -0.21
N LYS A 74 22.32 1.26 0.39
CA LYS A 74 21.51 0.76 1.51
C LYS A 74 21.42 1.78 2.63
N VAL A 75 22.53 2.39 3.05
CA VAL A 75 22.49 3.42 4.13
C VAL A 75 21.59 4.63 3.80
N ALA A 76 21.74 5.17 2.58
CA ALA A 76 20.85 6.23 2.08
C ALA A 76 19.36 5.85 1.98
N VAL A 77 19.05 4.69 1.38
CA VAL A 77 17.68 4.20 1.23
C VAL A 77 17.09 3.89 2.60
N GLU A 78 17.87 3.22 3.45
CA GLU A 78 17.41 2.93 4.83
C GLU A 78 17.01 4.20 5.58
N GLU A 79 17.84 5.26 5.47
CA GLU A 79 17.56 6.54 6.12
C GLU A 79 16.23 7.08 5.63
N PHE A 80 16.12 7.21 4.31
CA PHE A 80 14.94 7.75 3.63
C PHE A 80 13.67 7.07 4.09
N PHE A 81 13.74 5.73 4.19
CA PHE A 81 12.64 4.85 4.64
C PHE A 81 12.32 4.98 6.12
N ARG A 82 13.33 5.23 6.92
CA ARG A 82 13.13 5.50 8.34
C ARG A 82 12.33 6.82 8.53
N LYS A 83 12.78 7.91 7.89
CA LYS A 83 12.10 9.21 8.07
C LYS A 83 10.68 9.22 7.50
N THR A 84 10.49 8.61 6.33
CA THR A 84 9.16 8.71 5.69
C THR A 84 8.15 7.65 6.09
N GLY A 85 8.63 6.49 6.53
CA GLY A 85 7.73 5.37 6.84
C GLY A 85 7.39 4.54 5.61
N PHE A 86 8.01 4.86 4.51
CA PHE A 86 7.83 4.17 3.28
C PHE A 86 8.59 2.86 3.21
N THR A 87 8.13 1.96 2.36
CA THR A 87 8.86 0.74 2.04
C THR A 87 8.50 0.13 0.71
N LEU A 88 9.51 -0.43 0.07
CA LEU A 88 9.41 -0.96 -1.25
C LEU A 88 10.50 -1.97 -1.46
N PRO A 89 10.31 -2.79 -2.47
CA PRO A 89 11.24 -3.82 -2.86
C PRO A 89 12.37 -3.25 -3.64
N VAL A 90 13.42 -2.91 -2.95
CA VAL A 90 14.53 -2.20 -3.50
C VAL A 90 15.68 -3.07 -4.00
N LEU A 91 16.25 -2.69 -5.12
CA LEU A 91 17.58 -3.20 -5.55
C LEU A 91 18.57 -2.05 -5.65
N LEU A 92 19.82 -2.31 -5.36
CA LEU A 92 20.80 -1.26 -5.27
C LEU A 92 21.70 -1.23 -6.48
N ASP A 93 21.93 -0.01 -6.94
CA ASP A 93 22.75 0.22 -8.09
C ASP A 93 23.53 1.57 -8.03
N ALA A 94 24.17 1.81 -6.91
CA ALA A 94 24.96 3.06 -6.67
C ALA A 94 25.87 3.47 -7.81
N ASP A 95 26.39 2.53 -8.58
CA ASP A 95 27.38 2.89 -9.61
C ASP A 95 26.74 3.23 -10.97
N LYS A 96 25.40 3.14 -11.05
CA LYS A 96 24.58 3.60 -12.19
C LYS A 96 24.74 2.74 -13.49
N ARG A 97 25.40 1.61 -13.41
CA ARG A 97 25.64 0.86 -14.62
C ARG A 97 24.40 0.16 -15.21
N VAL A 98 23.43 -0.23 -14.38
CA VAL A 98 22.17 -0.84 -14.88
C VAL A 98 21.22 0.28 -15.41
N GLY A 99 21.27 1.48 -14.85
CA GLY A 99 20.63 2.66 -15.47
C GLY A 99 21.21 2.96 -16.85
N LYS A 100 22.54 2.97 -16.95
CA LYS A 100 23.17 3.08 -18.23
C LYS A 100 22.81 1.92 -19.16
N LEU A 101 22.76 0.70 -18.63
CA LEU A 101 22.39 -0.43 -19.44
C LEU A 101 21.01 -0.18 -19.99
N TYR A 102 20.17 0.50 -19.19
CA TYR A 102 18.76 0.73 -19.52
C TYR A 102 18.50 2.01 -20.35
N GLY A 103 19.56 2.79 -20.54
CA GLY A 103 19.55 3.93 -21.42
C GLY A 103 18.81 5.08 -20.80
N THR A 104 18.69 5.11 -19.47
CA THR A 104 18.03 6.22 -18.83
C THR A 104 18.84 7.57 -18.83
N THR A 105 18.07 8.66 -18.72
CA THR A 105 18.49 10.01 -18.94
C THR A 105 18.34 10.81 -17.66
N GLY A 106 17.37 10.45 -16.82
CA GLY A 106 17.14 11.10 -15.54
C GLY A 106 16.21 10.21 -14.77
N VAL A 107 15.71 10.66 -13.62
CA VAL A 107 14.79 9.85 -12.81
C VAL A 107 13.53 10.62 -12.37
N PRO A 108 12.36 9.94 -12.29
CA PRO A 108 12.07 8.50 -12.44
C PRO A 108 11.80 8.08 -13.86
N GLU A 109 12.09 6.82 -14.14
CA GLU A 109 11.86 6.21 -15.42
C GLU A 109 11.50 4.76 -15.13
N THR A 110 10.46 4.23 -15.78
CA THR A 110 9.86 2.94 -15.42
C THR A 110 9.58 2.04 -16.63
N PHE A 111 9.92 0.76 -16.49
CA PHE A 111 9.80 -0.17 -17.60
C PHE A 111 8.87 -1.27 -17.24
N VAL A 112 8.07 -1.70 -18.20
CA VAL A 112 7.00 -2.65 -17.93
C VAL A 112 7.24 -3.83 -18.83
N ILE A 113 7.33 -5.01 -18.22
CA ILE A 113 7.90 -6.24 -18.81
C ILE A 113 6.98 -7.45 -18.74
N ASP A 114 6.70 -8.06 -19.87
CA ASP A 114 5.72 -9.14 -19.90
C ASP A 114 6.23 -10.53 -19.46
N ARG A 115 5.32 -11.50 -19.41
CA ARG A 115 5.62 -12.87 -18.90
C ARG A 115 6.76 -13.55 -19.65
N HIS A 116 6.98 -13.16 -20.90
CA HIS A 116 8.10 -13.70 -21.68
C HIS A 116 9.38 -12.87 -21.59
N GLY A 117 9.42 -11.89 -20.67
CA GLY A 117 10.60 -11.03 -20.50
C GLY A 117 10.75 -9.90 -21.53
N VAL A 118 9.71 -9.65 -22.31
CA VAL A 118 9.79 -8.60 -23.31
C VAL A 118 9.33 -7.27 -22.74
N ILE A 119 10.09 -6.19 -23.01
CA ILE A 119 9.75 -4.84 -22.57
C ILE A 119 8.58 -4.29 -23.38
N LEU A 120 7.50 -3.97 -22.68
CA LEU A 120 6.26 -3.59 -23.33
C LEU A 120 6.05 -2.07 -23.37
N LYS A 121 6.53 -1.37 -22.34
CA LYS A 121 6.24 0.03 -22.14
C LYS A 121 7.40 0.67 -21.45
N LYS A 122 7.74 1.91 -21.84
CA LYS A 122 8.66 2.78 -21.06
C LYS A 122 7.94 4.05 -20.59
N VAL A 123 7.95 4.36 -19.30
CA VAL A 123 7.26 5.56 -18.80
C VAL A 123 8.23 6.55 -18.17
N VAL A 124 8.20 7.82 -18.65
CA VAL A 124 9.04 8.89 -18.07
C VAL A 124 8.33 9.82 -17.12
N GLY A 125 8.88 9.92 -15.91
CA GLY A 125 8.41 10.91 -14.91
C GLY A 125 7.33 10.32 -14.04
N ALA A 126 7.10 10.96 -12.90
CA ALA A 126 6.07 10.59 -11.92
C ALA A 126 4.72 10.25 -12.53
N MSE A 127 4.22 9.08 -12.17
CA MSE A 127 2.87 8.68 -12.58
C MSE A 127 1.99 8.38 -11.38
O MSE A 127 2.45 8.50 -10.23
CB MSE A 127 2.92 7.51 -13.55
CG MSE A 127 3.62 7.87 -14.87
SE MSE A 127 2.79 9.40 -15.81
CE MSE A 127 1.63 8.42 -17.07
N GLU A 128 0.73 8.05 -11.64
CA GLU A 128 -0.17 7.56 -10.59
C GLU A 128 -0.49 6.10 -10.91
N TRP A 129 0.34 5.22 -10.35
CA TRP A 129 0.35 3.77 -10.65
C TRP A 129 -0.82 3.01 -10.04
N ASP A 130 -1.58 3.74 -9.23
CA ASP A 130 -2.74 3.22 -8.55
C ASP A 130 -3.98 3.25 -9.44
N HIS A 131 -3.94 4.05 -10.51
CA HIS A 131 -5.14 4.30 -11.32
C HIS A 131 -5.60 3.14 -12.25
N PRO A 132 -6.91 3.07 -12.58
CA PRO A 132 -7.63 1.94 -13.22
C PRO A 132 -7.04 1.43 -14.53
N GLU A 133 -6.75 2.33 -15.47
CA GLU A 133 -6.21 1.94 -16.77
C GLU A 133 -4.94 1.09 -16.59
N VAL A 134 -4.05 1.53 -15.71
CA VAL A 134 -2.79 0.81 -15.44
C VAL A 134 -3.03 -0.57 -14.79
N ILE A 135 -3.76 -0.58 -13.66
CA ILE A 135 -4.16 -1.81 -13.01
C ILE A 135 -4.73 -2.81 -14.03
N ALA A 136 -5.68 -2.37 -14.86
CA ALA A 136 -6.35 -3.25 -15.84
C ALA A 136 -5.49 -3.59 -17.06
N PHE A 137 -4.54 -2.72 -17.41
CA PHE A 137 -3.48 -3.05 -18.36
C PHE A 137 -2.60 -4.19 -17.87
N LEU A 138 -2.29 -4.16 -16.58
CA LEU A 138 -1.50 -5.21 -15.94
C LEU A 138 -2.21 -6.56 -15.87
N ASN A 139 -3.49 -6.56 -15.42
CA ASN A 139 -4.27 -7.80 -15.29
C ASN A 139 -4.35 -8.53 -16.63
N ASN A 140 -4.57 -7.76 -17.70
CA ASN A 140 -4.59 -8.29 -19.08
C ASN A 140 -3.37 -9.17 -19.35
N GLU A 141 -2.31 -8.94 -18.58
CA GLU A 141 -1.02 -9.58 -18.76
C GLU A 141 -0.88 -10.56 -17.57
N LEU B 3 -28.95 -8.60 12.65
CA LEU B 3 -29.27 -10.00 12.36
C LEU B 3 -29.77 -10.24 10.96
N GLU B 4 -29.70 -11.50 10.54
CA GLU B 4 -29.93 -11.97 9.18
C GLU B 4 -31.35 -12.09 8.72
N GLU B 5 -31.56 -11.90 7.44
CA GLU B 5 -32.88 -11.96 6.85
C GLU B 5 -33.80 -10.96 7.49
N ASN B 6 -33.24 -9.86 7.89
CA ASN B 6 -33.98 -8.83 8.54
C ASN B 6 -33.24 -7.58 8.17
N PRO B 7 -33.95 -6.46 8.01
CA PRO B 7 -33.36 -5.20 7.48
C PRO B 7 -32.17 -4.70 8.30
N ALA B 8 -31.06 -4.38 7.60
CA ALA B 8 -29.81 -3.93 8.27
C ALA B 8 -29.98 -2.63 9.06
N PRO B 9 -29.50 -2.59 10.31
CA PRO B 9 -29.76 -1.32 11.06
C PRO B 9 -29.00 -0.17 10.43
N ASP B 10 -29.62 1.00 10.35
CA ASP B 10 -29.07 2.21 9.69
C ASP B 10 -28.01 3.02 10.49
N PHE B 11 -27.10 3.64 9.77
CA PHE B 11 -26.12 4.49 10.40
C PHE B 11 -25.52 5.52 9.44
N THR B 12 -24.97 6.60 9.99
CA THR B 12 -24.29 7.67 9.28
C THR B 12 -22.87 7.78 9.84
N LEU B 13 -21.85 7.71 8.98
CA LEU B 13 -20.45 7.78 9.45
C LEU B 13 -19.48 8.59 8.56
N ASN B 14 -18.54 9.29 9.19
CA ASN B 14 -17.49 10.02 8.44
C ASN B 14 -16.55 9.08 7.67
N THR B 15 -15.98 9.60 6.60
CA THR B 15 -14.98 8.91 5.81
C THR B 15 -13.67 9.43 6.27
N LEU B 16 -12.62 8.91 5.67
CA LEU B 16 -11.29 9.43 5.87
C LEU B 16 -11.13 10.88 5.36
N ASN B 17 -11.74 11.22 4.23
CA ASN B 17 -11.68 12.58 3.66
C ASN B 17 -12.84 13.52 3.94
N GLY B 18 -13.47 13.39 5.11
CA GLY B 18 -14.38 14.43 5.57
C GLY B 18 -15.81 14.39 5.04
N GLU B 19 -16.08 13.46 4.12
CA GLU B 19 -17.40 13.19 3.61
C GLU B 19 -18.24 12.39 4.66
N VAL B 20 -19.52 12.21 4.44
CA VAL B 20 -20.29 11.33 5.30
C VAL B 20 -21.07 10.35 4.44
N VAL B 21 -21.13 9.07 4.84
CA VAL B 21 -22.00 8.10 4.17
C VAL B 21 -23.06 7.58 5.13
N LYS B 22 -24.29 7.52 4.62
CA LYS B 22 -25.43 7.00 5.36
C LYS B 22 -25.95 5.74 4.66
N LEU B 23 -26.16 4.64 5.41
CA LEU B 23 -26.45 3.35 4.78
C LEU B 23 -27.75 3.34 3.98
N SER B 24 -28.82 3.92 4.52
CA SER B 24 -30.10 4.02 3.81
C SER B 24 -30.07 4.61 2.39
N ASP B 25 -29.15 5.54 2.15
CA ASP B 25 -29.04 6.23 0.87
C ASP B 25 -28.50 5.30 -0.17
N LEU B 26 -28.39 4.04 0.23
CA LEU B 26 -27.73 3.02 -0.57
C LEU B 26 -28.65 1.86 -0.99
N LYS B 27 -29.94 1.95 -0.65
CA LYS B 27 -30.99 1.13 -1.28
C LYS B 27 -30.84 1.10 -2.83
N GLY B 28 -31.11 -0.04 -3.45
CA GLY B 28 -30.88 -0.22 -4.88
C GLY B 28 -29.49 -0.75 -5.18
N GLN B 29 -28.61 -0.81 -4.17
CA GLN B 29 -27.24 -1.35 -4.37
C GLN B 29 -26.94 -2.52 -3.46
N VAL B 30 -26.09 -3.46 -3.88
CA VAL B 30 -25.66 -4.47 -2.93
C VAL B 30 -24.46 -3.93 -2.18
N VAL B 31 -24.42 -4.17 -0.87
CA VAL B 31 -23.41 -3.61 0.03
C VAL B 31 -22.75 -4.63 0.98
N ILE B 32 -21.43 -4.61 1.03
CA ILE B 32 -20.69 -5.33 2.04
C ILE B 32 -20.38 -4.36 3.22
N VAL B 33 -20.79 -4.67 4.43
CA VAL B 33 -20.38 -3.82 5.56
C VAL B 33 -19.37 -4.57 6.45
N ASN B 34 -18.07 -4.26 6.32
CA ASN B 34 -17.03 -5.05 6.98
C ASN B 34 -16.61 -4.35 8.30
N PHE B 35 -16.40 -5.07 9.42
CA PHE B 35 -15.83 -4.46 10.67
C PHE B 35 -14.44 -5.03 10.95
N TRP B 36 -13.47 -4.12 11.21
CA TRP B 36 -12.07 -4.48 11.08
C TRP B 36 -11.21 -3.50 11.85
N ALA B 37 -10.01 -3.90 12.33
CA ALA B 37 -9.04 -2.96 12.90
C ALA B 37 -7.59 -3.17 12.40
N THR B 38 -6.74 -2.17 12.63
CA THR B 38 -5.33 -2.19 12.17
C THR B 38 -4.52 -3.23 12.96
N TRP B 39 -4.91 -3.45 14.21
CA TRP B 39 -4.19 -4.43 15.03
C TRP B 39 -4.72 -5.90 14.89
N CYS B 40 -5.70 -6.15 14.04
CA CYS B 40 -6.23 -7.52 13.97
C CYS B 40 -5.51 -8.33 12.87
N PRO B 41 -4.77 -9.42 13.22
CA PRO B 41 -4.04 -10.12 12.12
C PRO B 41 -4.91 -10.69 11.00
N PRO B 42 -6.06 -11.33 11.33
CA PRO B 42 -6.87 -11.87 10.22
C PRO B 42 -7.38 -10.74 9.30
N CYS B 43 -7.57 -9.56 9.91
CA CYS B 43 -8.05 -8.38 9.18
C CYS B 43 -6.98 -7.96 8.17
N ARG B 44 -5.74 -7.80 8.62
CA ARG B 44 -4.71 -7.37 7.71
C ARG B 44 -4.63 -8.40 6.63
N GLU B 45 -4.76 -9.66 7.03
CA GLU B 45 -4.67 -10.75 6.13
C GLU B 45 -5.61 -10.69 4.92
N GLU B 46 -6.81 -10.18 5.09
CA GLU B 46 -7.85 -10.27 4.02
C GLU B 46 -7.86 -9.03 3.15
N ILE B 47 -7.23 -7.97 3.67
CA ILE B 47 -7.21 -6.67 3.00
C ILE B 47 -6.84 -6.75 1.52
N PRO B 48 -5.71 -7.41 1.15
CA PRO B 48 -5.37 -7.48 -0.31
C PRO B 48 -6.53 -8.00 -1.17
N SER B 49 -7.19 -9.06 -0.72
CA SER B 49 -8.24 -9.65 -1.49
C SER B 49 -9.48 -8.76 -1.50
N MSE B 50 -9.56 -7.85 -0.52
CA MSE B 50 -10.68 -6.92 -0.42
C MSE B 50 -10.55 -5.80 -1.47
O MSE B 50 -11.56 -5.33 -2.02
CB MSE B 50 -10.76 -6.34 0.98
CG MSE B 50 -12.11 -6.41 1.59
SE MSE B 50 -11.98 -6.90 3.47
CE MSE B 50 -11.45 -5.19 4.32
N MSE B 51 -9.30 -5.40 -1.73
CA MSE B 51 -8.98 -4.44 -2.79
C MSE B 51 -9.20 -4.98 -4.20
O MSE B 51 -9.42 -4.22 -5.16
CB MSE B 51 -7.52 -3.97 -2.69
CG MSE B 51 -7.24 -3.04 -1.56
SE MSE B 51 -5.30 -3.00 -1.10
CE MSE B 51 -4.62 -2.03 -2.66
N ARG B 52 -9.09 -6.29 -4.35
CA ARG B 52 -9.17 -6.86 -5.68
C ARG B 52 -10.62 -6.96 -6.01
N LEU B 53 -11.43 -7.42 -5.04
CA LEU B 53 -12.88 -7.57 -5.21
C LEU B 53 -13.50 -6.24 -5.54
N ASN B 54 -12.95 -5.21 -4.93
CA ASN B 54 -13.33 -3.84 -5.16
C ASN B 54 -13.10 -3.33 -6.56
N ALA B 55 -11.86 -3.40 -7.00
CA ALA B 55 -11.51 -2.92 -8.33
C ALA B 55 -12.28 -3.72 -9.37
N ALA B 56 -12.54 -4.99 -9.04
CA ALA B 56 -13.31 -5.92 -9.89
C ALA B 56 -14.79 -5.51 -10.08
N MSE B 57 -15.32 -4.76 -9.12
CA MSE B 57 -16.73 -4.38 -9.07
C MSE B 57 -17.00 -2.96 -9.54
O MSE B 57 -18.11 -2.42 -9.34
CB MSE B 57 -17.28 -4.57 -7.65
CG MSE B 57 -17.39 -6.04 -7.20
SE MSE B 57 -18.93 -7.07 -7.92
CE MSE B 57 -18.00 -8.54 -8.78
N ALA B 58 -15.98 -2.33 -10.15
CA ALA B 58 -16.09 -1.02 -10.85
C ALA B 58 -17.22 -0.99 -11.89
N GLY B 59 -17.94 0.14 -11.91
CA GLY B 59 -19.00 0.34 -12.89
C GLY B 59 -20.35 -0.24 -12.49
N LYS B 60 -20.38 -1.10 -11.48
CA LYS B 60 -21.60 -1.82 -11.10
C LYS B 60 -22.20 -1.22 -9.84
N PRO B 61 -23.49 -1.49 -9.56
CA PRO B 61 -24.17 -0.93 -8.38
C PRO B 61 -23.81 -1.64 -7.06
N PHE B 62 -22.52 -1.63 -6.73
CA PHE B 62 -21.99 -2.30 -5.54
C PHE B 62 -21.25 -1.27 -4.66
N ARG B 63 -21.31 -1.47 -3.34
CA ARG B 63 -20.53 -0.61 -2.43
C ARG B 63 -19.90 -1.43 -1.31
N MSE B 64 -18.63 -1.23 -1.03
CA MSE B 64 -18.02 -1.81 0.15
C MSE B 64 -17.81 -0.74 1.23
O MSE B 64 -17.32 0.38 0.95
CB MSE B 64 -16.72 -2.49 -0.20
CG MSE B 64 -16.01 -3.15 0.97
SE MSE B 64 -14.46 -4.25 0.45
CE MSE B 64 -13.48 -3.00 -0.67
N LEU B 65 -18.17 -1.06 2.47
CA LEU B 65 -17.93 -0.14 3.59
C LEU B 65 -17.09 -0.79 4.70
N CYS B 66 -15.83 -0.37 4.81
CA CYS B 66 -14.88 -1.01 5.77
C CYS B 66 -14.80 -0.23 7.09
N VAL B 67 -15.80 -0.41 7.96
CA VAL B 67 -15.88 0.28 9.21
C VAL B 67 -14.70 -0.03 10.21
N SER B 68 -13.88 1.00 10.51
CA SER B 68 -12.76 0.80 11.42
C SER B 68 -13.09 1.20 12.85
N ILE B 69 -12.82 0.24 13.73
CA ILE B 69 -13.12 0.33 15.14
C ILE B 69 -11.91 0.88 15.94
N ASP B 70 -10.79 1.14 15.26
CA ASP B 70 -9.61 1.73 15.92
C ASP B 70 -9.92 2.91 16.82
N GLU B 71 -9.47 2.85 18.06
CA GLU B 71 -9.50 4.02 18.98
C GLU B 71 -8.96 5.37 18.37
N GLY B 72 -7.79 5.31 17.72
CA GLY B 72 -7.16 6.47 17.09
C GLY B 72 -7.78 7.05 15.81
N GLY B 73 -8.93 6.53 15.39
CA GLY B 73 -9.67 7.12 14.27
C GLY B 73 -8.80 7.23 13.03
N LYS B 74 -9.00 8.36 12.33
CA LYS B 74 -8.30 8.77 11.09
C LYS B 74 -6.78 8.78 11.14
N VAL B 75 -6.21 9.40 12.18
CA VAL B 75 -4.77 9.46 12.34
C VAL B 75 -4.18 8.07 12.30
N ALA B 76 -4.82 7.14 13.00
CA ALA B 76 -4.39 5.73 12.97
C ALA B 76 -4.58 5.03 11.63
N VAL B 77 -5.71 5.22 10.96
CA VAL B 77 -5.95 4.52 9.68
C VAL B 77 -4.98 5.02 8.61
N GLU B 78 -4.81 6.35 8.53
CA GLU B 78 -3.89 7.01 7.59
C GLU B 78 -2.48 6.49 7.77
N GLU B 79 -2.08 6.36 9.04
CA GLU B 79 -0.72 5.91 9.32
C GLU B 79 -0.52 4.49 8.87
N PHE B 80 -1.48 3.62 9.18
CA PHE B 80 -1.39 2.21 8.77
C PHE B 80 -1.30 2.13 7.25
N PHE B 81 -2.18 2.83 6.53
CA PHE B 81 -2.18 2.85 5.07
C PHE B 81 -0.88 3.31 4.44
N ARG B 82 -0.23 4.24 5.14
CA ARG B 82 0.99 4.88 4.70
C ARG B 82 2.14 3.90 4.73
N LYS B 83 2.15 3.10 5.77
CA LYS B 83 3.28 2.19 5.97
C LYS B 83 3.13 0.87 5.23
N THR B 84 1.94 0.63 4.66
CA THR B 84 1.62 -0.66 4.08
C THR B 84 1.28 -0.56 2.60
N GLY B 85 0.89 0.64 2.19
CA GLY B 85 0.34 0.83 0.87
C GLY B 85 -1.05 0.26 0.70
N PHE B 86 -1.74 -0.06 1.76
CA PHE B 86 -3.11 -0.48 1.65
C PHE B 86 -4.08 0.67 1.40
N THR B 87 -5.14 0.44 0.67
CA THR B 87 -6.23 1.38 0.57
C THR B 87 -7.60 0.70 0.54
N LEU B 88 -8.60 1.36 1.06
CA LEU B 88 -9.95 0.85 1.16
C LEU B 88 -10.99 1.95 1.37
N PRO B 89 -12.23 1.65 1.06
CA PRO B 89 -13.33 2.54 1.40
C PRO B 89 -13.61 2.55 2.88
N VAL B 90 -13.03 3.44 3.64
CA VAL B 90 -13.12 3.39 5.09
C VAL B 90 -14.15 4.32 5.70
N LEU B 91 -14.90 3.80 6.65
CA LEU B 91 -15.70 4.57 7.58
C LEU B 91 -15.16 4.43 9.01
N LEU B 92 -15.14 5.54 9.75
CA LEU B 92 -14.57 5.61 11.07
C LEU B 92 -15.62 5.38 12.12
N ASP B 93 -15.36 4.42 13.00
CA ASP B 93 -16.22 4.12 14.13
C ASP B 93 -15.37 3.98 15.38
N ALA B 94 -14.69 5.03 15.80
CA ALA B 94 -13.73 4.91 16.92
C ALA B 94 -14.35 4.59 18.28
N ASP B 95 -15.60 4.96 18.52
CA ASP B 95 -16.26 4.68 19.81
C ASP B 95 -17.09 3.40 19.77
N LYS B 96 -16.99 2.63 18.69
CA LYS B 96 -17.58 1.30 18.62
C LYS B 96 -19.09 1.25 18.55
N ARG B 97 -19.75 2.39 18.76
CA ARG B 97 -21.20 2.46 18.63
C ARG B 97 -21.87 1.60 17.51
N VAL B 98 -21.36 1.67 16.29
CA VAL B 98 -22.01 0.95 15.17
C VAL B 98 -21.64 -0.54 15.20
N GLY B 99 -20.41 -0.83 15.60
CA GLY B 99 -19.99 -2.18 15.95
C GLY B 99 -20.95 -2.83 16.94
N LYS B 100 -21.28 -2.12 18.03
CA LYS B 100 -22.24 -2.67 19.00
C LYS B 100 -23.65 -2.87 18.39
N LEU B 101 -24.14 -1.88 17.63
CA LEU B 101 -25.46 -1.94 17.01
C LEU B 101 -25.55 -3.18 16.11
N TYR B 102 -24.42 -3.57 15.53
CA TYR B 102 -24.45 -4.73 14.67
C TYR B 102 -24.29 -6.00 15.51
N GLY B 103 -24.19 -5.85 16.83
CA GLY B 103 -23.96 -7.01 17.68
C GLY B 103 -22.68 -7.82 17.36
N THR B 104 -21.59 -7.16 16.93
CA THR B 104 -20.33 -7.88 16.77
C THR B 104 -19.68 -8.30 18.10
N THR B 105 -18.98 -9.45 18.09
CA THR B 105 -18.32 -9.99 19.29
C THR B 105 -16.82 -9.99 19.14
N GLY B 106 -16.35 -9.68 17.93
CA GLY B 106 -14.94 -9.56 17.55
C GLY B 106 -14.79 -9.20 16.05
N VAL B 107 -13.55 -9.28 15.56
CA VAL B 107 -13.21 -8.83 14.21
C VAL B 107 -12.25 -9.79 13.52
N PRO B 108 -12.40 -9.98 12.19
CA PRO B 108 -13.36 -9.37 11.24
C PRO B 108 -14.74 -9.97 11.35
N GLU B 109 -15.76 -9.21 10.97
CA GLU B 109 -17.12 -9.67 10.85
C GLU B 109 -17.66 -8.91 9.65
N THR B 110 -18.21 -9.62 8.66
CA THR B 110 -18.72 -8.99 7.45
C THR B 110 -20.17 -9.35 7.17
N PHE B 111 -20.96 -8.33 6.87
CA PHE B 111 -22.35 -8.51 6.49
C PHE B 111 -22.58 -8.19 5.00
N VAL B 112 -23.37 -9.04 4.35
CA VAL B 112 -23.80 -8.85 2.97
C VAL B 112 -25.29 -8.43 2.99
N ILE B 113 -25.56 -7.26 2.42
CA ILE B 113 -26.87 -6.58 2.42
C ILE B 113 -27.37 -6.40 0.99
N ASP B 114 -28.65 -6.69 0.76
CA ASP B 114 -29.15 -6.77 -0.62
C ASP B 114 -29.72 -5.45 -1.19
N ARG B 115 -30.10 -5.43 -2.47
CA ARG B 115 -30.59 -4.19 -3.09
C ARG B 115 -31.68 -3.49 -2.26
N HIS B 116 -32.39 -4.26 -1.44
CA HIS B 116 -33.50 -3.72 -0.67
C HIS B 116 -33.27 -3.42 0.82
N GLY B 117 -32.04 -3.65 1.29
CA GLY B 117 -31.67 -3.25 2.65
C GLY B 117 -31.64 -4.35 3.69
N VAL B 118 -31.79 -5.59 3.22
CA VAL B 118 -31.94 -6.79 4.05
C VAL B 118 -30.61 -7.56 4.15
N ILE B 119 -30.24 -7.98 5.36
CA ILE B 119 -28.97 -8.70 5.62
C ILE B 119 -29.11 -10.14 5.14
N LEU B 120 -28.17 -10.56 4.29
CA LEU B 120 -28.30 -11.82 3.56
C LEU B 120 -27.44 -12.93 4.15
N LYS B 121 -26.42 -12.55 4.90
CA LYS B 121 -25.38 -13.46 5.37
C LYS B 121 -24.46 -12.69 6.31
N LYS B 122 -24.08 -13.32 7.40
CA LYS B 122 -22.97 -12.83 8.20
C LYS B 122 -21.83 -13.82 8.15
N VAL B 123 -20.61 -13.31 8.02
CA VAL B 123 -19.40 -14.10 7.91
C VAL B 123 -18.48 -13.66 9.04
N VAL B 124 -17.92 -14.61 9.80
CA VAL B 124 -16.89 -14.27 10.78
C VAL B 124 -15.50 -14.75 10.33
N GLY B 125 -14.49 -13.97 10.68
CA GLY B 125 -13.13 -14.28 10.27
C GLY B 125 -12.79 -13.92 8.83
N ALA B 126 -11.53 -14.12 8.46
CA ALA B 126 -11.02 -13.77 7.13
C ALA B 126 -11.57 -14.65 5.99
N MSE B 127 -11.81 -14.04 4.83
CA MSE B 127 -12.13 -14.78 3.60
C MSE B 127 -11.20 -14.36 2.44
O MSE B 127 -10.51 -13.34 2.54
CB MSE B 127 -13.58 -14.53 3.19
CG MSE B 127 -14.64 -15.09 4.13
SE MSE B 127 -14.42 -17.00 4.56
CE MSE B 127 -14.77 -17.84 2.79
N GLU B 128 -11.20 -15.11 1.34
CA GLU B 128 -10.63 -14.60 0.10
C GLU B 128 -11.79 -13.99 -0.65
N TRP B 129 -11.97 -12.69 -0.55
CA TRP B 129 -13.14 -12.10 -1.14
C TRP B 129 -13.11 -12.09 -2.67
N ASP B 130 -11.91 -12.04 -3.26
CA ASP B 130 -11.72 -12.10 -4.72
C ASP B 130 -12.17 -13.40 -5.42
N HIS B 131 -12.57 -14.42 -4.66
CA HIS B 131 -12.75 -15.79 -5.19
C HIS B 131 -14.05 -15.99 -5.95
N PRO B 132 -13.99 -16.68 -7.12
CA PRO B 132 -15.09 -17.02 -8.06
C PRO B 132 -16.43 -17.37 -7.41
N GLU B 133 -16.41 -18.15 -6.32
CA GLU B 133 -17.62 -18.42 -5.54
C GLU B 133 -18.32 -17.14 -5.06
N VAL B 134 -17.53 -16.15 -4.62
CA VAL B 134 -18.03 -14.88 -4.05
C VAL B 134 -18.38 -13.82 -5.09
N ILE B 135 -17.63 -13.76 -6.18
CA ILE B 135 -17.98 -12.88 -7.29
C ILE B 135 -19.34 -13.29 -7.78
N ALA B 136 -19.53 -14.60 -7.95
CA ALA B 136 -20.72 -15.16 -8.60
C ALA B 136 -21.96 -15.00 -7.74
N PHE B 137 -21.79 -15.05 -6.41
CA PHE B 137 -22.89 -14.82 -5.47
C PHE B 137 -23.31 -13.35 -5.48
N LEU B 138 -22.37 -12.47 -5.69
CA LEU B 138 -22.65 -11.07 -5.72
C LEU B 138 -23.10 -10.66 -7.11
N ASN B 139 -22.96 -11.53 -8.08
CA ASN B 139 -23.43 -11.22 -9.41
C ASN B 139 -24.87 -11.60 -9.59
N ASN B 140 -25.24 -12.79 -9.21
CA ASN B 140 -26.64 -13.06 -9.20
C ASN B 140 -27.30 -11.94 -8.47
N GLU B 141 -26.77 -11.58 -7.32
CA GLU B 141 -27.41 -10.59 -6.47
C GLU B 141 -27.60 -9.23 -7.09
N LEU B 142 -26.89 -8.97 -8.15
CA LEU B 142 -26.96 -7.71 -8.77
C LEU B 142 -28.10 -7.68 -9.74
N SER B 143 -28.39 -8.83 -10.32
CA SER B 143 -29.26 -8.94 -11.46
C SER B 143 -30.44 -9.86 -11.21
N GLU C 4 6.30 -20.57 8.30
CA GLU C 4 7.03 -20.04 9.48
C GLU C 4 6.27 -20.36 10.76
N GLU C 5 6.91 -21.12 11.66
CA GLU C 5 6.21 -21.85 12.73
C GLU C 5 4.98 -22.58 12.16
N ASN C 6 5.12 -22.92 10.88
CA ASN C 6 4.24 -23.80 10.15
C ASN C 6 5.06 -24.94 9.53
N PRO C 7 4.40 -26.10 9.28
CA PRO C 7 5.05 -27.27 8.68
C PRO C 7 5.68 -26.92 7.36
N ALA C 8 6.90 -27.40 7.15
CA ALA C 8 7.62 -27.16 5.90
C ALA C 8 7.03 -28.00 4.74
N PRO C 9 6.95 -27.39 3.55
CA PRO C 9 6.40 -28.17 2.47
C PRO C 9 7.29 -29.36 2.14
N ASP C 10 6.65 -30.49 1.81
CA ASP C 10 7.37 -31.68 1.46
C ASP C 10 7.89 -31.66 0.01
N PHE C 11 8.96 -32.40 -0.23
CA PHE C 11 9.64 -32.45 -1.50
C PHE C 11 10.57 -33.65 -1.57
N THR C 12 10.89 -34.02 -2.81
CA THR C 12 11.63 -35.20 -3.14
C THR C 12 12.49 -34.78 -4.31
N LEU C 13 13.81 -34.85 -4.17
CA LEU C 13 14.70 -34.23 -5.13
C LEU C 13 15.95 -35.09 -5.35
N ASN C 14 16.53 -34.95 -6.54
CA ASN C 14 17.80 -35.63 -6.82
C ASN C 14 19.02 -34.99 -6.17
N THR C 15 19.85 -35.85 -5.57
CA THR C 15 21.23 -35.60 -5.13
C THR C 15 22.17 -35.55 -6.35
N LEU C 16 23.43 -35.20 -6.16
CA LEU C 16 24.41 -35.21 -7.28
C LEU C 16 24.82 -36.63 -7.67
N ASN C 17 24.55 -37.59 -6.80
CA ASN C 17 24.96 -38.96 -7.08
C ASN C 17 23.84 -39.98 -7.32
N GLY C 18 22.83 -39.61 -8.09
CA GLY C 18 21.75 -40.52 -8.44
C GLY C 18 20.76 -40.94 -7.37
N GLU C 19 20.82 -40.34 -6.18
CA GLU C 19 19.87 -40.67 -5.09
C GLU C 19 18.76 -39.66 -4.99
N VAL C 20 17.69 -40.07 -4.34
CA VAL C 20 16.59 -39.18 -3.96
C VAL C 20 16.51 -39.00 -2.42
N VAL C 21 16.31 -37.77 -1.96
CA VAL C 21 16.02 -37.48 -0.53
C VAL C 21 14.58 -36.94 -0.45
N LYS C 22 13.84 -37.36 0.59
CA LYS C 22 12.44 -36.93 0.80
C LYS C 22 12.34 -36.23 2.15
N LEU C 23 11.72 -35.06 2.24
CA LEU C 23 11.86 -34.32 3.48
C LEU C 23 11.15 -35.03 4.63
N SER C 24 9.92 -35.53 4.37
CA SER C 24 9.14 -36.37 5.32
C SER C 24 10.02 -37.36 6.10
N ASP C 25 10.84 -38.13 5.38
CA ASP C 25 11.69 -39.18 5.98
C ASP C 25 12.76 -38.66 6.93
N LEU C 26 12.85 -37.36 7.11
CA LEU C 26 13.88 -36.86 7.96
C LEU C 26 13.39 -36.36 9.30
N LYS C 27 12.10 -36.53 9.62
CA LYS C 27 11.62 -36.40 11.03
C LYS C 27 12.50 -37.16 12.08
N GLY C 28 12.65 -36.59 13.26
CA GLY C 28 13.67 -37.08 14.16
C GLY C 28 14.93 -36.24 14.06
N GLN C 29 15.20 -35.71 12.86
CA GLN C 29 16.39 -34.86 12.63
C GLN C 29 16.13 -33.35 12.56
N VAL C 30 17.15 -32.58 12.96
CA VAL C 30 17.22 -31.14 12.70
C VAL C 30 17.81 -30.90 11.31
N VAL C 31 17.04 -30.21 10.47
CA VAL C 31 17.29 -30.07 9.01
C VAL C 31 17.42 -28.62 8.62
N ILE C 32 18.39 -28.34 7.76
CA ILE C 32 18.56 -27.01 7.18
C ILE C 32 18.28 -27.06 5.69
N VAL C 33 17.43 -26.18 5.19
CA VAL C 33 17.16 -26.10 3.74
C VAL C 33 17.61 -24.72 3.20
N ASN C 34 18.71 -24.73 2.45
CA ASN C 34 19.34 -23.53 1.95
C ASN C 34 19.15 -23.47 0.42
N PHE C 35 18.72 -22.31 -0.11
CA PHE C 35 18.56 -22.12 -1.55
C PHE C 35 19.68 -21.22 -2.07
N TRP C 36 20.35 -21.65 -3.12
CA TRP C 36 21.56 -20.95 -3.52
C TRP C 36 21.78 -21.15 -5.00
N ALA C 37 22.69 -20.38 -5.60
CA ALA C 37 23.07 -20.58 -7.00
C ALA C 37 24.53 -20.34 -7.30
N THR C 38 24.93 -20.89 -8.43
CA THR C 38 26.31 -20.83 -8.91
C THR C 38 26.77 -19.44 -9.29
N TRP C 39 25.82 -18.62 -9.74
CA TRP C 39 26.11 -17.27 -10.17
C TRP C 39 25.79 -16.24 -9.11
N CYS C 40 25.58 -16.65 -7.86
CA CYS C 40 25.28 -15.69 -6.78
C CYS C 40 26.44 -15.46 -5.81
N PRO C 41 27.04 -14.25 -5.85
CA PRO C 41 28.16 -13.83 -4.98
C PRO C 41 28.01 -14.06 -3.45
N PRO C 42 26.94 -13.56 -2.80
CA PRO C 42 26.94 -13.83 -1.34
C PRO C 42 26.87 -15.33 -1.09
N CYS C 43 26.16 -16.05 -1.97
CA CYS C 43 26.10 -17.51 -1.90
C CYS C 43 27.52 -18.10 -1.90
N ARG C 44 28.30 -17.86 -2.95
CA ARG C 44 29.72 -18.25 -2.93
C ARG C 44 30.35 -17.77 -1.62
N GLU C 45 30.08 -16.53 -1.21
CA GLU C 45 30.82 -16.01 -0.07
C GLU C 45 30.56 -16.80 1.24
N GLU C 46 29.35 -17.33 1.42
CA GLU C 46 29.02 -18.06 2.67
C GLU C 46 29.33 -19.57 2.73
N ILE C 47 29.68 -20.16 1.58
CA ILE C 47 29.93 -21.60 1.42
C ILE C 47 31.03 -22.19 2.32
N PRO C 48 32.21 -21.56 2.38
CA PRO C 48 33.22 -22.12 3.28
C PRO C 48 32.73 -22.23 4.72
N SER C 49 31.86 -21.32 5.16
CA SER C 49 31.37 -21.44 6.53
C SER C 49 30.36 -22.54 6.65
N MSE C 50 29.72 -22.91 5.54
CA MSE C 50 28.68 -23.91 5.59
C MSE C 50 29.26 -25.29 5.58
O MSE C 50 28.76 -26.18 6.23
CB MSE C 50 27.72 -23.73 4.43
CG MSE C 50 26.36 -23.21 4.88
SE MSE C 50 25.42 -22.49 3.29
CE MSE C 50 24.87 -24.14 2.41
N MSE C 51 30.34 -25.46 4.83
CA MSE C 51 31.13 -26.67 4.93
C MSE C 51 31.72 -26.93 6.33
O MSE C 51 31.91 -28.07 6.72
CB MSE C 51 32.25 -26.60 3.91
CG MSE C 51 31.79 -26.26 2.52
SE MSE C 51 33.33 -26.02 1.31
CE MSE C 51 34.62 -27.41 1.87
N ARG C 52 32.03 -25.87 7.08
CA ARG C 52 32.58 -26.01 8.42
C ARG C 52 31.48 -26.37 9.44
N LEU C 53 30.36 -25.68 9.34
CA LEU C 53 29.22 -26.04 10.11
C LEU C 53 28.90 -27.50 9.86
N ASN C 54 28.79 -27.91 8.60
CA ASN C 54 28.44 -29.31 8.32
C ASN C 54 29.43 -30.31 8.95
N ALA C 55 30.73 -29.98 8.91
CA ALA C 55 31.74 -30.79 9.60
C ALA C 55 31.50 -30.84 11.10
N ALA C 56 31.21 -29.68 11.71
CA ALA C 56 30.92 -29.62 13.16
C ALA C 56 29.76 -30.51 13.62
N MSE C 57 28.76 -30.70 12.77
CA MSE C 57 27.58 -31.48 13.12
C MSE C 57 27.71 -32.99 12.98
O MSE C 57 26.76 -33.74 13.23
CB MSE C 57 26.37 -30.96 12.33
CG MSE C 57 25.84 -29.57 12.78
SE MSE C 57 25.20 -29.30 14.68
CE MSE C 57 26.75 -28.42 15.42
N ALA C 58 28.89 -33.47 12.60
CA ALA C 58 29.07 -34.84 12.11
C ALA C 58 28.62 -35.96 13.07
N GLY C 59 28.78 -35.71 14.36
CA GLY C 59 28.18 -36.62 15.31
C GLY C 59 26.66 -36.69 15.10
N LYS C 60 25.97 -35.60 15.44
CA LYS C 60 24.56 -35.61 15.81
C LYS C 60 23.54 -35.97 14.70
N PRO C 61 22.23 -36.05 15.06
CA PRO C 61 21.13 -36.31 14.11
C PRO C 61 20.63 -35.02 13.41
N PHE C 62 21.38 -34.64 12.37
CA PHE C 62 21.16 -33.39 11.67
C PHE C 62 21.41 -33.62 10.19
N ARG C 63 20.69 -32.87 9.34
CA ARG C 63 20.97 -32.88 7.89
C ARG C 63 20.88 -31.50 7.27
N MSE C 64 21.85 -31.20 6.46
CA MSE C 64 21.88 -29.99 5.67
C MSE C 64 21.54 -30.36 4.23
O MSE C 64 22.16 -31.28 3.66
CB MSE C 64 23.27 -29.37 5.74
CG MSE C 64 23.51 -28.25 4.75
SE MSE C 64 25.08 -27.21 5.25
CE MSE C 64 26.40 -28.01 4.12
N LEU C 65 20.55 -29.68 3.66
CA LEU C 65 20.26 -29.82 2.23
C LEU C 65 20.42 -28.47 1.53
N CYS C 66 21.47 -28.36 0.72
CA CYS C 66 21.68 -27.15 -0.06
C CYS C 66 21.00 -27.29 -1.44
N VAL C 67 19.81 -26.74 -1.55
CA VAL C 67 19.13 -26.80 -2.82
C VAL C 67 19.66 -25.77 -3.84
N SER C 68 20.30 -26.27 -4.91
CA SER C 68 20.72 -25.45 -6.03
C SER C 68 19.57 -25.15 -7.00
N ILE C 69 19.41 -23.88 -7.38
CA ILE C 69 18.45 -23.47 -8.41
C ILE C 69 19.02 -23.23 -9.82
N ASP C 70 20.32 -23.48 -10.03
CA ASP C 70 20.91 -23.34 -11.36
C ASP C 70 20.13 -24.07 -12.49
N GLU C 71 19.82 -23.36 -13.55
CA GLU C 71 19.25 -23.93 -14.77
C GLU C 71 20.03 -25.15 -15.27
N GLY C 72 21.35 -25.05 -15.23
CA GLY C 72 22.21 -26.14 -15.70
C GLY C 72 22.33 -27.36 -14.81
N GLY C 73 21.72 -27.31 -13.63
CA GLY C 73 21.65 -28.46 -12.74
C GLY C 73 22.98 -29.10 -12.40
N LYS C 74 23.07 -30.40 -12.64
CA LYS C 74 24.12 -31.22 -12.04
C LYS C 74 25.48 -30.86 -12.63
N VAL C 75 25.52 -30.68 -13.96
CA VAL C 75 26.74 -30.28 -14.65
C VAL C 75 27.22 -28.91 -14.12
N ALA C 76 26.31 -27.94 -14.00
CA ALA C 76 26.76 -26.61 -13.61
C ALA C 76 27.33 -26.65 -12.20
N VAL C 77 26.65 -27.34 -11.29
CA VAL C 77 27.20 -27.51 -9.91
C VAL C 77 28.51 -28.34 -9.83
N GLU C 78 28.62 -29.43 -10.61
CA GLU C 78 29.83 -30.24 -10.62
C GLU C 78 30.98 -29.36 -11.10
N GLU C 79 30.83 -28.74 -12.28
CA GLU C 79 31.81 -27.75 -12.80
C GLU C 79 32.19 -26.69 -11.72
N PHE C 80 31.19 -26.13 -11.06
CA PHE C 80 31.48 -25.12 -10.05
C PHE C 80 32.38 -25.62 -8.89
N PHE C 81 32.07 -26.82 -8.39
CA PHE C 81 32.83 -27.44 -7.30
C PHE C 81 34.22 -27.81 -7.74
N ARG C 82 34.35 -28.33 -8.95
CA ARG C 82 35.63 -28.71 -9.45
C ARG C 82 36.60 -27.53 -9.45
N LYS C 83 36.11 -26.36 -9.89
CA LYS C 83 36.86 -25.10 -10.08
C LYS C 83 37.27 -24.42 -8.77
N THR C 84 36.44 -24.51 -7.72
CA THR C 84 36.65 -23.89 -6.42
C THR C 84 37.21 -24.84 -5.32
N GLY C 85 37.00 -26.16 -5.50
CA GLY C 85 37.30 -27.11 -4.43
C GLY C 85 36.32 -27.03 -3.26
N PHE C 86 35.10 -26.56 -3.52
CA PHE C 86 34.09 -26.54 -2.46
C PHE C 86 33.33 -27.85 -2.51
N THR C 87 32.62 -28.17 -1.43
CA THR C 87 31.79 -29.34 -1.49
C THR C 87 30.67 -29.29 -0.49
N LEU C 88 29.49 -29.70 -0.97
CA LEU C 88 28.24 -29.63 -0.21
C LEU C 88 27.22 -30.75 -0.50
N PRO C 89 26.43 -31.13 0.53
CA PRO C 89 25.29 -32.04 0.36
C PRO C 89 24.18 -31.35 -0.37
N VAL C 90 24.19 -31.47 -1.69
CA VAL C 90 23.41 -30.69 -2.61
C VAL C 90 22.19 -31.48 -3.07
N LEU C 91 21.15 -30.79 -3.48
CA LEU C 91 20.00 -31.38 -4.11
C LEU C 91 19.64 -30.43 -5.25
N LEU C 92 19.02 -30.94 -6.30
CA LEU C 92 18.78 -30.14 -7.50
C LEU C 92 17.32 -29.69 -7.74
N ASP C 93 17.15 -28.38 -8.02
CA ASP C 93 15.85 -27.75 -8.30
C ASP C 93 15.93 -26.80 -9.49
N ALA C 94 16.57 -27.27 -10.57
CA ALA C 94 16.70 -26.51 -11.81
C ALA C 94 15.38 -25.86 -12.24
N ASP C 95 14.25 -26.53 -12.03
CA ASP C 95 12.99 -25.96 -12.48
C ASP C 95 12.36 -24.96 -11.49
N LYS C 96 13.00 -24.75 -10.34
CA LYS C 96 12.61 -23.74 -9.35
C LYS C 96 11.29 -24.05 -8.66
N ARG C 97 10.70 -25.19 -9.01
CA ARG C 97 9.41 -25.63 -8.48
C ARG C 97 9.40 -25.63 -6.93
N VAL C 98 10.49 -26.09 -6.32
CA VAL C 98 10.57 -26.18 -4.85
C VAL C 98 10.87 -24.82 -4.22
N GLY C 99 11.63 -24.00 -4.92
CA GLY C 99 11.80 -22.59 -4.56
C GLY C 99 10.46 -21.88 -4.51
N LYS C 100 9.66 -21.99 -5.57
CA LYS C 100 8.40 -21.23 -5.54
C LYS C 100 7.56 -21.63 -4.31
N LEU C 101 7.51 -22.95 -4.09
CA LEU C 101 6.85 -23.64 -2.97
C LEU C 101 7.30 -23.10 -1.64
N TYR C 102 8.57 -22.72 -1.56
CA TYR C 102 9.12 -22.08 -0.36
C TYR C 102 8.89 -20.58 -0.30
N GLY C 103 8.29 -20.03 -1.36
CA GLY C 103 8.05 -18.60 -1.52
C GLY C 103 9.29 -17.73 -1.55
N THR C 104 10.38 -18.20 -2.17
CA THR C 104 11.64 -17.42 -2.15
C THR C 104 11.62 -16.26 -3.09
N THR C 105 12.33 -15.22 -2.68
CA THR C 105 12.44 -13.93 -3.38
C THR C 105 13.69 -13.79 -4.27
N GLY C 106 14.69 -14.65 -4.01
CA GLY C 106 16.02 -14.61 -4.55
C GLY C 106 16.86 -15.55 -3.68
N VAL C 107 18.18 -15.49 -3.80
CA VAL C 107 19.06 -16.42 -3.11
C VAL C 107 20.27 -15.68 -2.58
N PRO C 108 20.80 -16.07 -1.42
CA PRO C 108 20.46 -17.13 -0.52
C PRO C 108 19.29 -16.79 0.36
N GLU C 109 18.39 -17.77 0.49
CA GLU C 109 17.49 -17.86 1.65
C GLU C 109 17.61 -19.24 2.36
N THR C 110 17.72 -19.24 3.68
CA THR C 110 17.93 -20.49 4.46
C THR C 110 16.83 -20.81 5.49
N PHE C 111 16.25 -22.01 5.45
CA PHE C 111 15.20 -22.44 6.46
C PHE C 111 15.70 -23.48 7.43
N VAL C 112 15.49 -23.24 8.73
CA VAL C 112 15.86 -24.16 9.81
C VAL C 112 14.58 -24.85 10.28
N ILE C 113 14.56 -26.18 10.14
CA ILE C 113 13.38 -27.06 10.41
C ILE C 113 13.67 -28.05 11.57
N ASP C 114 12.73 -28.18 12.51
CA ASP C 114 12.88 -29.05 13.72
C ASP C 114 12.52 -30.56 13.55
N ARG C 115 12.65 -31.35 14.59
CA ARG C 115 12.45 -32.78 14.49
C ARG C 115 11.05 -33.22 14.07
N HIS C 116 10.06 -32.35 14.20
CA HIS C 116 8.69 -32.65 13.80
C HIS C 116 8.31 -32.11 12.41
N GLY C 117 9.30 -31.59 11.69
CA GLY C 117 9.05 -31.03 10.34
C GLY C 117 8.58 -29.59 10.30
N VAL C 118 8.80 -28.88 11.42
CA VAL C 118 8.29 -27.52 11.59
C VAL C 118 9.39 -26.46 11.36
N ILE C 119 9.07 -25.45 10.57
CA ILE C 119 10.03 -24.39 10.29
C ILE C 119 10.15 -23.47 11.48
N LEU C 120 11.38 -23.13 11.83
CA LEU C 120 11.69 -22.46 13.10
C LEU C 120 12.30 -21.07 12.94
N LYS C 121 13.00 -20.85 11.82
CA LYS C 121 13.82 -19.66 11.54
C LYS C 121 13.98 -19.59 10.01
N LYS C 122 13.76 -18.41 9.44
CA LYS C 122 14.14 -18.14 8.05
C LYS C 122 15.25 -17.09 8.05
N VAL C 123 16.31 -17.34 7.28
CA VAL C 123 17.40 -16.40 7.20
C VAL C 123 17.66 -15.97 5.75
N VAL C 124 17.81 -14.67 5.51
CA VAL C 124 18.00 -14.15 4.13
C VAL C 124 19.39 -13.55 3.96
N GLY C 125 20.08 -13.95 2.89
CA GLY C 125 21.41 -13.44 2.58
C GLY C 125 22.57 -14.15 3.25
N ALA C 126 23.79 -13.83 2.82
CA ALA C 126 24.97 -14.44 3.36
C ALA C 126 25.00 -14.34 4.86
N MSE C 127 25.44 -15.42 5.50
CA MSE C 127 25.69 -15.40 6.90
C MSE C 127 27.00 -16.13 7.09
O MSE C 127 27.54 -16.70 6.14
CB MSE C 127 24.60 -16.14 7.67
CG MSE C 127 23.25 -15.45 7.65
SE MSE C 127 23.33 -13.70 8.50
CE MSE C 127 21.47 -13.08 8.39
N GLU C 128 27.49 -16.10 8.31
CA GLU C 128 28.65 -16.83 8.77
C GLU C 128 28.11 -18.00 9.66
N TRP C 129 28.12 -19.21 9.09
CA TRP C 129 27.31 -20.35 9.58
C TRP C 129 27.95 -21.26 10.65
N ASP C 130 29.25 -21.12 10.85
CA ASP C 130 29.91 -21.92 11.88
C ASP C 130 30.20 -21.10 13.14
N HIS C 131 29.56 -19.93 13.27
CA HIS C 131 29.82 -19.03 14.41
C HIS C 131 29.30 -19.62 15.74
N PRO C 132 30.04 -19.38 16.84
CA PRO C 132 29.65 -19.84 18.15
C PRO C 132 28.14 -19.71 18.47
N GLU C 133 27.51 -18.60 18.07
CA GLU C 133 26.07 -18.38 18.32
C GLU C 133 25.15 -19.40 17.63
N VAL C 134 25.50 -19.76 16.39
CA VAL C 134 24.72 -20.72 15.56
C VAL C 134 24.85 -22.17 16.03
N ILE C 135 26.07 -22.69 16.11
CA ILE C 135 26.33 -24.02 16.71
C ILE C 135 25.57 -24.19 18.02
N ALA C 136 25.64 -23.19 18.90
CA ALA C 136 24.88 -23.19 20.13
C ALA C 136 23.35 -23.35 19.87
N PHE C 137 22.82 -22.62 18.88
CA PHE C 137 21.37 -22.70 18.60
C PHE C 137 20.90 -24.06 18.07
N LEU C 138 21.73 -24.73 17.28
CA LEU C 138 21.32 -26.02 16.73
C LEU C 138 21.44 -27.14 17.77
N ASN C 139 22.59 -27.26 18.42
CA ASN C 139 22.81 -28.25 19.48
C ASN C 139 21.63 -28.29 20.43
N ASN C 140 21.31 -27.12 20.99
CA ASN C 140 20.17 -26.97 21.87
C ASN C 140 18.95 -27.59 21.24
N GLU C 141 18.59 -27.11 20.05
CA GLU C 141 17.48 -27.73 19.35
C GLU C 141 17.54 -29.26 19.32
N LEU C 142 18.67 -29.86 18.90
CA LEU C 142 18.83 -31.32 19.01
C LEU C 142 18.56 -31.79 20.45
N GLU D 5 41.10 22.48 -12.29
CA GLU D 5 40.72 22.51 -10.85
C GLU D 5 39.20 22.44 -10.58
N ASN D 6 38.56 23.55 -10.24
CA ASN D 6 37.17 23.50 -9.74
C ASN D 6 36.07 22.82 -10.60
N PRO D 7 35.24 21.95 -9.97
CA PRO D 7 34.13 21.38 -10.77
C PRO D 7 33.05 22.44 -11.03
N ALA D 8 32.23 22.19 -12.04
CA ALA D 8 31.20 23.11 -12.42
C ALA D 8 30.22 23.23 -11.27
N PRO D 9 29.61 24.41 -11.14
CA PRO D 9 28.48 24.48 -10.19
C PRO D 9 27.46 23.37 -10.50
N ASP D 10 27.24 22.49 -9.53
CA ASP D 10 26.29 21.38 -9.68
C ASP D 10 24.82 21.88 -9.47
N PHE D 11 23.88 21.28 -10.19
CA PHE D 11 22.48 21.53 -10.04
C PHE D 11 21.63 20.29 -10.38
N THR D 12 20.34 20.36 -10.02
CA THR D 12 19.31 19.35 -10.24
C THR D 12 18.03 20.07 -10.78
N LEU D 13 17.57 19.72 -11.96
CA LEU D 13 16.39 20.41 -12.48
C LEU D 13 15.37 19.52 -13.20
N ASN D 14 14.12 20.00 -13.27
CA ASN D 14 13.09 19.30 -14.00
C ASN D 14 13.27 19.47 -15.46
N THR D 15 12.72 18.53 -16.21
CA THR D 15 12.68 18.56 -17.66
C THR D 15 11.23 18.77 -18.00
N LEU D 16 10.97 18.89 -19.30
CA LEU D 16 9.60 19.09 -19.76
C LEU D 16 8.69 17.89 -19.45
N ASN D 17 9.25 16.69 -19.18
CA ASN D 17 8.41 15.51 -18.92
C ASN D 17 8.44 14.97 -17.53
N GLY D 18 8.88 15.78 -16.57
CA GLY D 18 8.71 15.44 -15.15
C GLY D 18 9.80 14.55 -14.56
N GLU D 19 10.85 14.35 -15.32
CA GLU D 19 11.99 13.60 -14.90
C GLU D 19 12.96 14.67 -14.43
N VAL D 20 13.84 14.39 -13.47
CA VAL D 20 14.88 15.39 -13.11
C VAL D 20 16.27 14.98 -13.59
N VAL D 21 17.19 15.94 -13.72
CA VAL D 21 18.54 15.67 -14.22
C VAL D 21 19.59 16.35 -13.37
N LYS D 22 20.57 15.61 -12.94
CA LYS D 22 21.56 16.22 -12.12
C LYS D 22 22.83 16.09 -12.88
N LEU D 23 23.60 17.19 -12.92
CA LEU D 23 24.84 17.33 -13.69
C LEU D 23 26.05 16.46 -13.25
N SER D 24 26.25 16.30 -11.93
CA SER D 24 27.22 15.36 -11.31
C SER D 24 27.15 13.93 -11.88
N ASP D 25 25.93 13.40 -11.97
CA ASP D 25 25.61 12.13 -12.57
C ASP D 25 26.06 12.03 -14.03
N LEU D 26 26.50 13.14 -14.63
CA LEU D 26 26.94 13.13 -16.07
C LEU D 26 28.48 13.13 -16.24
N LYS D 27 29.22 13.02 -15.11
CA LYS D 27 30.67 12.70 -15.23
C LYS D 27 30.87 11.49 -16.17
N GLY D 28 31.96 11.49 -16.95
CA GLY D 28 32.15 10.47 -17.98
C GLY D 28 31.56 10.90 -19.30
N GLN D 29 30.82 12.03 -19.32
CA GLN D 29 30.33 12.61 -20.61
C GLN D 29 30.75 14.07 -20.82
N VAL D 30 30.76 14.50 -22.09
CA VAL D 30 30.90 15.93 -22.48
C VAL D 30 29.53 16.61 -22.48
N VAL D 31 29.42 17.75 -21.78
CA VAL D 31 28.12 18.39 -21.61
C VAL D 31 28.10 19.84 -22.13
N ILE D 32 26.99 20.29 -22.70
CA ILE D 32 26.79 21.69 -22.99
C ILE D 32 25.62 22.17 -22.17
N VAL D 33 25.81 23.28 -21.44
CA VAL D 33 24.78 23.86 -20.60
C VAL D 33 24.48 25.22 -21.21
N ASN D 34 23.26 25.43 -21.70
CA ASN D 34 22.95 26.61 -22.49
C ASN D 34 21.80 27.38 -21.84
N PHE D 35 22.00 28.66 -21.56
CA PHE D 35 20.99 29.47 -20.93
C PHE D 35 20.27 30.26 -22.01
N TRP D 36 18.93 30.32 -21.99
CA TRP D 36 18.19 30.88 -23.12
C TRP D 36 16.81 31.31 -22.65
N ALA D 37 16.16 32.14 -23.46
CA ALA D 37 14.74 32.39 -23.23
C ALA D 37 13.94 32.53 -24.51
N THR D 38 12.66 32.20 -24.36
CA THR D 38 11.66 32.27 -25.41
C THR D 38 11.64 33.65 -26.10
N TRP D 39 11.87 34.71 -25.32
CA TRP D 39 11.72 36.10 -25.78
C TRP D 39 12.99 36.73 -26.36
N CYS D 40 14.09 35.99 -26.38
CA CYS D 40 15.42 36.50 -26.72
C CYS D 40 15.70 36.23 -28.21
N PRO D 41 15.76 37.26 -29.07
CA PRO D 41 15.91 36.91 -30.52
C PRO D 41 17.23 36.23 -30.89
N PRO D 42 18.37 36.71 -30.35
CA PRO D 42 19.55 35.86 -30.74
C PRO D 42 19.38 34.37 -30.36
N CYS D 43 18.64 34.08 -29.28
CA CYS D 43 18.32 32.68 -28.88
C CYS D 43 17.59 31.87 -29.95
N ARG D 44 16.43 32.38 -30.40
CA ARG D 44 15.61 31.75 -31.45
C ARG D 44 16.41 31.53 -32.73
N GLU D 45 17.26 32.51 -33.05
CA GLU D 45 18.18 32.44 -34.15
C GLU D 45 19.10 31.22 -34.08
N GLU D 46 19.68 30.92 -32.91
CA GLU D 46 20.65 29.80 -32.79
C GLU D 46 20.07 28.37 -32.67
N ILE D 47 18.79 28.27 -32.30
CA ILE D 47 18.15 26.99 -32.08
C ILE D 47 18.22 25.97 -33.24
N PRO D 48 17.77 26.29 -34.48
CA PRO D 48 17.97 25.25 -35.51
C PRO D 48 19.37 24.66 -35.59
N SER D 49 20.43 25.46 -35.46
CA SER D 49 21.80 24.87 -35.44
C SER D 49 22.12 24.01 -34.18
N MSE D 50 21.38 24.18 -33.09
CA MSE D 50 21.58 23.37 -31.90
C MSE D 50 20.86 22.02 -32.00
O MSE D 50 21.21 21.05 -31.33
CB MSE D 50 21.06 24.11 -30.70
CG MSE D 50 21.75 25.41 -30.54
SE MSE D 50 21.65 25.99 -28.69
CE MSE D 50 19.79 25.49 -28.29
N MSE D 51 19.83 21.99 -32.82
CA MSE D 51 19.15 20.76 -33.09
C MSE D 51 20.05 19.89 -33.94
O MSE D 51 20.19 18.72 -33.67
CB MSE D 51 17.80 21.05 -33.75
CG MSE D 51 16.85 21.70 -32.80
SE MSE D 51 15.14 22.36 -33.54
CE MSE D 51 14.78 20.92 -34.83
N ARG D 52 20.69 20.50 -34.94
CA ARG D 52 21.54 19.78 -35.91
C ARG D 52 22.74 19.29 -35.18
N LEU D 53 23.13 20.01 -34.14
CA LEU D 53 24.27 19.63 -33.35
C LEU D 53 23.93 18.41 -32.51
N ASN D 54 22.83 18.50 -31.76
CA ASN D 54 22.39 17.41 -30.92
C ASN D 54 22.25 16.13 -31.75
N ALA D 55 21.53 16.21 -32.86
CA ALA D 55 21.37 15.08 -33.76
C ALA D 55 22.71 14.52 -34.27
N ALA D 56 23.73 15.36 -34.39
CA ALA D 56 25.01 14.82 -34.86
C ALA D 56 25.76 14.04 -33.74
N MSE D 57 25.36 14.26 -32.48
CA MSE D 57 25.96 13.62 -31.35
C MSE D 57 25.20 12.35 -30.91
O MSE D 57 25.59 11.68 -29.94
CB MSE D 57 26.08 14.62 -30.20
CG MSE D 57 26.85 15.88 -30.56
SE MSE D 57 28.79 15.59 -30.93
CE MSE D 57 28.82 15.52 -32.88
N ALA D 58 24.14 12.00 -31.64
CA ALA D 58 23.41 10.74 -31.45
C ALA D 58 24.28 9.51 -31.11
N GLY D 59 23.96 8.88 -29.97
CA GLY D 59 24.66 7.68 -29.51
C GLY D 59 26.13 7.81 -29.10
N LYS D 60 26.58 9.04 -28.84
CA LYS D 60 27.91 9.29 -28.31
C LYS D 60 27.66 9.69 -26.85
N PRO D 61 28.70 9.67 -25.99
CA PRO D 61 28.69 10.13 -24.57
C PRO D 61 28.60 11.63 -24.39
N PHE D 62 27.58 12.25 -24.97
CA PHE D 62 27.40 13.70 -25.04
C PHE D 62 26.00 14.05 -24.61
N ARG D 63 25.83 14.99 -23.68
CA ARG D 63 24.50 15.54 -23.35
C ARG D 63 24.40 17.08 -23.55
N MSE D 64 23.38 17.52 -24.28
CA MSE D 64 23.01 18.95 -24.31
C MSE D 64 21.85 19.29 -23.37
O MSE D 64 20.74 18.76 -23.52
CB MSE D 64 22.61 19.34 -25.71
CG MSE D 64 22.21 20.81 -25.93
SE MSE D 64 21.78 21.11 -27.86
CE MSE D 64 19.97 21.69 -27.70
N LEU D 65 22.09 20.20 -22.41
CA LEU D 65 21.04 20.72 -21.53
C LEU D 65 20.72 22.17 -21.87
N CYS D 66 19.51 22.44 -22.32
CA CYS D 66 19.06 23.78 -22.69
C CYS D 66 18.17 24.38 -21.63
N VAL D 67 18.76 25.17 -20.75
CA VAL D 67 18.06 25.72 -19.64
C VAL D 67 17.31 26.99 -20.05
N SER D 68 15.99 26.94 -19.95
CA SER D 68 15.19 28.10 -20.25
C SER D 68 15.07 28.89 -18.98
N ILE D 69 15.30 30.21 -18.99
CA ILE D 69 15.08 31.04 -17.81
C ILE D 69 13.67 31.74 -17.75
N ASP D 70 12.73 31.27 -18.56
CA ASP D 70 11.42 31.89 -18.73
C ASP D 70 10.63 31.86 -17.44
N GLU D 71 10.16 33.01 -16.95
CA GLU D 71 9.27 33.02 -15.80
C GLU D 71 8.06 32.11 -16.00
N GLY D 72 7.68 31.84 -17.26
CA GLY D 72 6.44 31.09 -17.55
C GLY D 72 6.56 29.57 -17.55
N GLY D 73 7.70 29.07 -17.09
CA GLY D 73 8.05 27.67 -17.08
C GLY D 73 7.73 26.85 -18.32
N LYS D 74 7.22 25.64 -18.03
CA LYS D 74 6.87 24.59 -19.01
C LYS D 74 5.83 25.02 -20.05
N VAL D 75 4.77 25.65 -19.57
CA VAL D 75 3.71 26.16 -20.44
C VAL D 75 4.31 27.13 -21.45
N ALA D 76 5.06 28.12 -21.00
CA ALA D 76 5.77 29.02 -21.91
C ALA D 76 6.68 28.29 -22.94
N VAL D 77 7.59 27.42 -22.50
CA VAL D 77 8.46 26.73 -23.46
C VAL D 77 7.66 25.89 -24.46
N GLU D 78 6.58 25.29 -23.95
CA GLU D 78 5.76 24.38 -24.74
C GLU D 78 4.87 25.09 -25.78
N GLU D 79 4.40 26.30 -25.47
CA GLU D 79 3.70 27.10 -26.51
C GLU D 79 4.75 27.47 -27.55
N PHE D 80 5.96 27.75 -27.09
CA PHE D 80 6.98 28.17 -28.03
C PHE D 80 7.40 27.09 -29.04
N PHE D 81 7.70 25.91 -28.54
CA PHE D 81 7.97 24.80 -29.43
C PHE D 81 6.80 24.52 -30.36
N ARG D 82 5.57 24.75 -29.87
CA ARG D 82 4.32 24.40 -30.59
C ARG D 82 4.15 25.23 -31.86
N LYS D 83 4.50 26.52 -31.78
CA LYS D 83 4.26 27.50 -32.84
C LYS D 83 5.42 27.60 -33.85
N THR D 84 6.59 27.06 -33.48
CA THR D 84 7.74 27.01 -34.36
C THR D 84 8.02 25.59 -34.86
N GLY D 85 7.63 24.60 -34.07
CA GLY D 85 8.08 23.26 -34.35
C GLY D 85 9.54 23.09 -34.00
N PHE D 86 10.06 23.78 -33.01
CA PHE D 86 11.38 23.42 -32.52
C PHE D 86 11.32 22.42 -31.37
N THR D 87 12.41 21.75 -31.08
CA THR D 87 12.51 20.87 -29.93
C THR D 87 13.94 20.63 -29.54
N LEU D 88 14.16 20.61 -28.25
CA LEU D 88 15.43 20.40 -27.67
C LEU D 88 15.25 19.78 -26.31
N PRO D 89 16.32 19.22 -25.79
CA PRO D 89 16.35 18.75 -24.44
C PRO D 89 16.38 19.90 -23.47
N VAL D 90 15.25 20.21 -22.87
CA VAL D 90 15.05 21.41 -22.10
C VAL D 90 15.04 21.09 -20.59
N LEU D 91 15.69 21.95 -19.78
CA LEU D 91 15.54 21.97 -18.31
C LEU D 91 14.90 23.26 -17.94
N LEU D 92 14.21 23.33 -16.81
CA LEU D 92 13.61 24.57 -16.40
C LEU D 92 14.30 25.24 -15.24
N ASP D 93 14.42 26.57 -15.34
CA ASP D 93 15.02 27.37 -14.28
C ASP D 93 14.25 28.69 -14.01
N ALA D 94 12.93 28.65 -14.07
CA ALA D 94 12.11 29.88 -14.01
C ALA D 94 12.54 30.94 -13.01
N ASP D 95 13.01 30.52 -11.85
CA ASP D 95 13.41 31.48 -10.82
C ASP D 95 14.85 32.00 -10.99
N LYS D 96 15.48 31.70 -12.11
CA LYS D 96 16.82 32.22 -12.46
C LYS D 96 17.98 31.76 -11.57
N ARG D 97 17.71 30.93 -10.57
CA ARG D 97 18.71 30.52 -9.59
C ARG D 97 19.92 29.84 -10.20
N VAL D 98 19.74 28.97 -11.20
CA VAL D 98 20.88 28.28 -11.82
C VAL D 98 21.69 29.27 -12.70
N GLY D 99 20.97 30.16 -13.40
CA GLY D 99 21.58 31.32 -14.05
C GLY D 99 22.46 32.19 -13.16
N LYS D 100 21.94 32.59 -12.00
CA LYS D 100 22.67 33.43 -11.07
C LYS D 100 23.93 32.69 -10.63
N LEU D 101 23.84 31.37 -10.58
CA LEU D 101 24.91 30.48 -10.11
C LEU D 101 26.07 30.32 -11.10
N TYR D 102 25.75 30.44 -12.39
CA TYR D 102 26.76 30.46 -13.43
C TYR D 102 27.26 31.87 -13.69
N GLY D 103 26.87 32.82 -12.84
CA GLY D 103 27.22 34.21 -13.10
C GLY D 103 26.70 34.79 -14.43
N THR D 104 25.55 34.34 -14.97
CA THR D 104 25.06 34.87 -16.25
C THR D 104 24.66 36.35 -16.15
N THR D 105 25.05 37.15 -17.15
CA THR D 105 24.60 38.54 -17.26
C THR D 105 23.56 38.83 -18.38
N GLY D 106 23.29 37.84 -19.24
CA GLY D 106 22.33 37.99 -20.33
C GLY D 106 22.07 36.62 -20.92
N VAL D 107 21.33 36.56 -22.02
CA VAL D 107 21.16 35.28 -22.76
C VAL D 107 21.35 35.54 -24.25
N PRO D 108 21.89 34.61 -25.02
CA PRO D 108 22.37 33.23 -24.88
C PRO D 108 23.73 33.18 -24.24
N GLU D 109 23.90 32.27 -23.32
CA GLU D 109 25.18 32.08 -22.71
C GLU D 109 25.37 30.54 -22.59
N THR D 110 26.48 30.02 -23.09
CA THR D 110 26.67 28.61 -23.16
C THR D 110 28.01 28.14 -22.63
N PHE D 111 27.99 27.07 -21.82
CA PHE D 111 29.20 26.52 -21.16
C PHE D 111 29.47 25.06 -21.59
N VAL D 112 30.70 24.75 -21.99
CA VAL D 112 31.07 23.41 -22.36
C VAL D 112 31.86 22.81 -21.24
N ILE D 113 31.55 21.57 -20.90
CA ILE D 113 32.00 20.98 -19.67
C ILE D 113 32.60 19.67 -20.06
N ASP D 114 33.80 19.38 -19.54
CA ASP D 114 34.54 18.16 -19.87
C ASP D 114 34.06 16.91 -19.14
N ARG D 115 34.56 15.77 -19.57
CA ARG D 115 34.25 14.47 -18.96
C ARG D 115 34.47 14.41 -17.44
N HIS D 116 35.36 15.22 -16.88
CA HIS D 116 35.50 15.25 -15.43
C HIS D 116 34.57 16.19 -14.69
N GLY D 117 33.67 16.87 -15.43
CA GLY D 117 32.74 17.88 -14.87
C GLY D 117 33.36 19.28 -14.63
N VAL D 118 34.47 19.61 -15.32
CA VAL D 118 35.06 20.96 -15.26
C VAL D 118 34.60 21.77 -16.49
N ILE D 119 34.39 23.09 -16.29
CA ILE D 119 34.02 24.03 -17.37
C ILE D 119 35.23 24.25 -18.24
N LEU D 120 35.06 24.14 -19.54
CA LEU D 120 36.24 24.11 -20.40
C LEU D 120 36.23 25.37 -21.32
N LYS D 121 35.02 25.83 -21.63
CA LYS D 121 34.83 26.95 -22.53
C LYS D 121 33.47 27.61 -22.29
N LYS D 122 33.50 28.93 -22.27
CA LYS D 122 32.34 29.80 -22.08
C LYS D 122 32.22 30.65 -23.33
N VAL D 123 31.03 30.61 -23.93
CA VAL D 123 30.71 31.26 -25.18
C VAL D 123 29.53 32.20 -24.92
N VAL D 124 29.68 33.45 -25.34
CA VAL D 124 28.65 34.47 -25.13
C VAL D 124 28.02 34.87 -26.46
N GLY D 125 26.70 34.79 -26.53
CA GLY D 125 25.97 35.23 -27.73
C GLY D 125 25.62 34.10 -28.68
N ALA D 126 24.85 34.41 -29.72
CA ALA D 126 24.38 33.41 -30.67
C ALA D 126 25.54 32.87 -31.47
N MSE D 127 25.48 31.60 -31.86
CA MSE D 127 26.50 31.01 -32.73
C MSE D 127 25.85 30.07 -33.70
O MSE D 127 24.65 29.77 -33.60
CB MSE D 127 27.58 30.23 -31.96
CG MSE D 127 28.33 31.02 -30.90
SE MSE D 127 29.32 32.62 -31.56
CE MSE D 127 31.05 31.74 -32.01
N GLU D 128 26.65 29.59 -34.65
CA GLU D 128 26.27 28.48 -35.50
C GLU D 128 27.02 27.27 -34.90
N TRP D 129 26.22 26.44 -34.21
CA TRP D 129 26.74 25.31 -33.45
C TRP D 129 26.97 24.09 -34.33
N ASP D 130 26.34 24.08 -35.48
CA ASP D 130 26.47 23.00 -36.47
C ASP D 130 27.83 23.07 -37.24
N HIS D 131 28.59 24.16 -37.07
CA HIS D 131 29.82 24.35 -37.84
C HIS D 131 30.86 23.26 -37.62
N PRO D 132 31.53 22.86 -38.70
CA PRO D 132 32.60 21.86 -38.70
C PRO D 132 33.68 22.09 -37.63
N GLU D 133 34.06 23.36 -37.41
CA GLU D 133 34.99 23.72 -36.34
C GLU D 133 34.56 23.32 -34.90
N VAL D 134 33.27 23.52 -34.58
CA VAL D 134 32.62 23.03 -33.32
C VAL D 134 32.56 21.50 -33.25
N ILE D 135 32.07 20.86 -34.31
CA ILE D 135 31.96 19.39 -34.33
C ILE D 135 33.33 18.74 -34.01
N ALA D 136 34.39 19.29 -34.59
CA ALA D 136 35.72 18.74 -34.47
C ALA D 136 36.21 18.90 -33.06
N PHE D 137 35.85 20.03 -32.44
CA PHE D 137 36.30 20.33 -31.07
C PHE D 137 35.65 19.32 -30.15
N LEU D 138 34.33 19.19 -30.29
CA LEU D 138 33.59 18.28 -29.42
C LEU D 138 33.98 16.85 -29.62
N ASN D 139 34.22 16.42 -30.86
CA ASN D 139 34.78 15.06 -31.02
C ASN D 139 36.16 14.86 -30.38
N ASN D 140 37.00 15.87 -30.44
CA ASN D 140 38.31 15.77 -29.83
C ASN D 140 38.18 15.64 -28.31
N GLU D 141 37.18 16.32 -27.76
CA GLU D 141 36.95 16.28 -26.34
C GLU D 141 36.38 14.93 -25.80
N LEU D 142 35.63 14.25 -26.67
CA LEU D 142 35.00 13.01 -26.36
C LEU D 142 36.04 11.92 -26.40
N SER D 143 37.03 12.09 -27.28
CA SER D 143 38.08 11.11 -27.51
C SER D 143 38.91 10.79 -26.25
N LYS D 144 38.78 11.62 -25.23
CA LYS D 144 39.71 11.59 -24.09
C LYS D 144 39.20 10.77 -22.92
N ALA D 145 38.46 9.69 -23.21
CA ALA D 145 38.17 8.70 -22.19
C ALA D 145 39.48 7.92 -21.91
N ARG D 146 39.77 7.66 -20.63
CA ARG D 146 40.96 6.87 -20.25
C ARG D 146 40.60 5.73 -19.26
N GLU E 5 -6.56 1.45 41.31
CA GLU E 5 -6.40 0.04 40.87
C GLU E 5 -6.00 -0.13 39.39
N ASN E 6 -4.97 -0.92 39.10
CA ASN E 6 -4.52 -1.11 37.71
C ASN E 6 -5.53 -1.94 36.85
N PRO E 7 -5.42 -1.88 35.51
CA PRO E 7 -6.38 -2.66 34.77
C PRO E 7 -5.91 -4.09 34.49
N ALA E 8 -6.85 -4.97 34.15
CA ALA E 8 -6.53 -6.36 33.84
C ALA E 8 -5.45 -6.46 32.76
N PRO E 9 -4.53 -7.41 32.87
CA PRO E 9 -3.57 -7.44 31.72
C PRO E 9 -4.29 -7.60 30.39
N ASP E 10 -3.97 -6.80 29.39
CA ASP E 10 -4.66 -6.86 28.10
C ASP E 10 -4.09 -7.93 27.13
N PHE E 11 -4.96 -8.49 26.30
CA PHE E 11 -4.57 -9.51 25.30
C PHE E 11 -5.62 -9.51 24.18
N THR E 12 -5.23 -10.17 23.08
CA THR E 12 -5.98 -10.28 21.86
C THR E 12 -5.77 -11.73 21.36
N LEU E 13 -6.81 -12.55 21.33
CA LEU E 13 -6.69 -13.97 20.97
C LEU E 13 -7.72 -14.39 19.92
N ASN E 14 -7.38 -15.37 19.07
CA ASN E 14 -8.37 -16.04 18.15
C ASN E 14 -9.46 -16.84 18.84
N THR E 15 -10.68 -16.76 18.33
CA THR E 15 -11.73 -17.67 18.70
C THR E 15 -11.67 -18.92 17.85
N LEU E 16 -12.57 -19.89 18.11
CA LEU E 16 -12.66 -21.08 17.21
C LEU E 16 -12.89 -20.74 15.73
N ASN E 17 -13.85 -19.87 15.42
CA ASN E 17 -14.13 -19.52 14.00
C ASN E 17 -13.36 -18.35 13.42
N GLY E 18 -12.08 -18.25 13.75
CA GLY E 18 -11.17 -17.29 13.11
C GLY E 18 -11.29 -15.77 13.31
N GLU E 19 -12.06 -15.30 14.29
CA GLU E 19 -12.07 -13.86 14.57
C GLU E 19 -11.20 -13.64 15.84
N VAL E 20 -10.97 -12.40 16.26
CA VAL E 20 -10.06 -12.12 17.38
C VAL E 20 -10.77 -11.24 18.36
N VAL E 21 -10.49 -11.42 19.65
CA VAL E 21 -11.16 -10.67 20.68
C VAL E 21 -10.14 -9.90 21.50
N LYS E 22 -10.40 -8.63 21.75
CA LYS E 22 -9.49 -7.79 22.53
C LYS E 22 -10.13 -7.35 23.83
N LEU E 23 -9.53 -7.69 24.95
CA LEU E 23 -10.15 -7.56 26.24
C LEU E 23 -10.49 -6.14 26.64
N SER E 24 -9.59 -5.22 26.46
CA SER E 24 -9.86 -3.83 26.73
C SER E 24 -10.98 -3.17 25.94
N ASP E 25 -11.38 -3.72 24.81
CA ASP E 25 -12.55 -3.29 24.09
C ASP E 25 -13.84 -3.73 24.75
N LEU E 26 -13.75 -4.48 25.83
CA LEU E 26 -14.90 -5.00 26.54
C LEU E 26 -15.15 -4.30 27.83
N LYS E 27 -14.47 -3.19 28.01
CA LYS E 27 -14.83 -2.22 29.01
C LYS E 27 -16.26 -1.76 28.83
N GLY E 28 -16.98 -1.53 29.90
CA GLY E 28 -18.39 -1.34 29.83
C GLY E 28 -19.16 -2.61 30.03
N GLN E 29 -18.48 -3.73 29.94
CA GLN E 29 -19.07 -5.03 30.17
C GLN E 29 -18.41 -5.77 31.32
N VAL E 30 -19.12 -6.63 31.98
CA VAL E 30 -18.46 -7.50 32.98
C VAL E 30 -17.96 -8.76 32.28
N VAL E 31 -16.72 -9.19 32.58
CA VAL E 31 -16.13 -10.33 31.87
C VAL E 31 -15.64 -11.42 32.80
N ILE E 32 -15.83 -12.70 32.39
CA ILE E 32 -15.22 -13.88 32.98
C ILE E 32 -14.11 -14.41 32.02
N VAL E 33 -12.88 -14.42 32.50
CA VAL E 33 -11.74 -15.05 31.83
C VAL E 33 -11.38 -16.37 32.56
N ASN E 34 -11.58 -17.47 31.84
CA ASN E 34 -11.42 -18.82 32.34
C ASN E 34 -10.36 -19.67 31.63
N PHE E 35 -9.34 -20.05 32.39
CA PHE E 35 -8.25 -20.91 31.89
C PHE E 35 -8.56 -22.41 32.14
N TRP E 36 -8.52 -23.21 31.08
CA TRP E 36 -9.01 -24.58 31.14
C TRP E 36 -8.33 -25.48 30.10
N ALA E 37 -8.44 -26.80 30.28
CA ALA E 37 -7.86 -27.72 29.30
C ALA E 37 -8.66 -28.97 29.04
N THR E 38 -8.45 -29.52 27.87
CA THR E 38 -9.22 -30.64 27.39
C THR E 38 -8.97 -31.85 28.29
N TRP E 39 -7.74 -31.96 28.77
CA TRP E 39 -7.24 -33.09 29.55
C TRP E 39 -7.41 -32.93 31.06
N CYS E 40 -8.14 -31.92 31.53
CA CYS E 40 -8.16 -31.65 32.96
C CYS E 40 -9.53 -32.04 33.50
N PRO E 41 -9.64 -33.16 34.24
CA PRO E 41 -10.97 -33.65 34.75
C PRO E 41 -11.86 -32.64 35.54
N PRO E 42 -11.31 -31.85 36.53
CA PRO E 42 -12.21 -30.89 37.15
C PRO E 42 -12.73 -29.85 36.13
N CYS E 43 -11.89 -29.49 35.15
CA CYS E 43 -12.30 -28.65 33.99
C CYS E 43 -13.48 -29.25 33.25
N ARG E 44 -13.39 -30.54 32.92
CA ARG E 44 -14.47 -31.20 32.21
C ARG E 44 -15.71 -31.27 33.10
N GLU E 45 -15.50 -31.19 34.40
CA GLU E 45 -16.59 -31.41 35.31
C GLU E 45 -17.42 -30.13 35.49
N GLU E 46 -16.79 -28.94 35.36
CA GLU E 46 -17.50 -27.66 35.57
C GLU E 46 -18.22 -27.08 34.33
N ILE E 47 -17.99 -27.65 33.15
CA ILE E 47 -18.54 -27.15 31.92
C ILE E 47 -20.11 -27.06 31.82
N PRO E 48 -20.85 -28.12 32.22
CA PRO E 48 -22.31 -27.95 32.08
C PRO E 48 -22.86 -26.82 32.96
N SER E 49 -22.19 -26.53 34.09
CA SER E 49 -22.57 -25.36 34.91
C SER E 49 -22.18 -24.04 34.24
N MSE E 50 -21.07 -24.02 33.52
CA MSE E 50 -20.70 -22.79 32.84
C MSE E 50 -21.62 -22.51 31.66
O MSE E 50 -22.04 -21.37 31.51
CB MSE E 50 -19.26 -22.78 32.41
CG MSE E 50 -18.32 -22.18 33.48
SE MSE E 50 -16.52 -22.92 33.28
CE MSE E 50 -16.31 -22.52 31.35
N MSE E 51 -21.90 -23.55 30.88
CA MSE E 51 -22.89 -23.52 29.80
C MSE E 51 -24.20 -22.93 30.31
O MSE E 51 -24.87 -22.16 29.59
CB MSE E 51 -23.15 -24.94 29.26
CG MSE E 51 -21.93 -25.56 28.50
SE MSE E 51 -22.31 -27.32 27.58
CE MSE E 51 -23.87 -26.70 26.56
N ARG E 52 -24.56 -23.28 31.54
CA ARG E 52 -25.81 -22.83 32.12
C ARG E 52 -25.73 -21.38 32.59
N LEU E 53 -24.55 -20.98 33.09
CA LEU E 53 -24.34 -19.61 33.45
C LEU E 53 -24.50 -18.77 32.19
N ASN E 54 -23.77 -19.17 31.14
CA ASN E 54 -23.77 -18.42 29.89
C ASN E 54 -25.18 -18.17 29.39
N ALA E 55 -26.00 -19.21 29.32
CA ALA E 55 -27.37 -19.06 28.87
C ALA E 55 -28.21 -18.12 29.77
N ALA E 56 -27.93 -18.13 31.07
CA ALA E 56 -28.68 -17.29 31.99
C ALA E 56 -28.23 -15.83 31.92
N MSE E 57 -27.04 -15.58 31.36
CA MSE E 57 -26.55 -14.23 31.03
C MSE E 57 -26.98 -13.67 29.61
O MSE E 57 -26.66 -12.52 29.27
CB MSE E 57 -25.03 -14.20 31.15
CG MSE E 57 -24.51 -14.19 32.57
SE MSE E 57 -25.57 -13.02 33.78
CE MSE E 57 -25.34 -13.95 35.46
N ALA E 58 -27.66 -14.46 28.79
CA ALA E 58 -27.97 -14.01 27.43
C ALA E 58 -28.84 -12.75 27.45
N GLY E 59 -28.50 -11.78 26.61
CA GLY E 59 -29.21 -10.50 26.55
C GLY E 59 -28.64 -9.37 27.40
N LYS E 60 -27.59 -9.64 28.18
CA LYS E 60 -27.00 -8.70 29.13
C LYS E 60 -25.57 -8.31 28.73
N PRO E 61 -25.05 -7.19 29.25
CA PRO E 61 -23.66 -6.73 29.02
C PRO E 61 -22.65 -7.65 29.81
N PHE E 62 -22.58 -8.92 29.36
CA PHE E 62 -21.74 -9.98 29.94
C PHE E 62 -20.94 -10.62 28.82
N ARG E 63 -19.64 -10.81 29.00
CA ARG E 63 -18.90 -11.71 28.11
C ARG E 63 -18.12 -12.77 28.92
N MSE E 64 -18.29 -14.03 28.52
CA MSE E 64 -17.47 -15.16 28.97
C MSE E 64 -16.48 -15.61 27.89
O MSE E 64 -16.84 -15.79 26.72
CB MSE E 64 -18.36 -16.32 29.40
CG MSE E 64 -17.63 -17.49 30.10
SE MSE E 64 -18.87 -18.98 30.65
CE MSE E 64 -18.78 -20.11 29.10
N LEU E 65 -15.24 -15.81 28.32
CA LEU E 65 -14.13 -16.18 27.48
C LEU E 65 -13.40 -17.36 28.13
N CYS E 66 -13.43 -18.50 27.42
CA CYS E 66 -12.85 -19.73 27.88
C CYS E 66 -11.53 -19.98 27.13
N VAL E 67 -10.44 -19.54 27.73
CA VAL E 67 -9.11 -19.62 27.10
C VAL E 67 -8.56 -21.03 27.25
N SER E 68 -8.37 -21.74 26.14
CA SER E 68 -7.90 -23.09 26.24
C SER E 68 -6.40 -23.11 26.07
N ILE E 69 -5.77 -23.90 26.94
CA ILE E 69 -4.33 -24.03 27.10
C ILE E 69 -3.71 -25.18 26.25
N ASP E 70 -4.60 -25.97 25.61
CA ASP E 70 -4.25 -27.12 24.82
C ASP E 70 -3.24 -26.88 23.70
N GLU E 71 -2.06 -27.46 23.83
CA GLU E 71 -1.13 -27.61 22.72
C GLU E 71 -1.84 -27.90 21.39
N GLY E 72 -2.93 -28.67 21.45
CA GLY E 72 -3.62 -29.16 20.27
C GLY E 72 -4.43 -28.08 19.56
N GLY E 73 -4.75 -27.01 20.28
CA GLY E 73 -5.46 -25.87 19.70
C GLY E 73 -6.89 -26.17 19.33
N LYS E 74 -7.29 -25.64 18.18
CA LYS E 74 -8.62 -25.82 17.58
C LYS E 74 -9.04 -27.32 17.36
N VAL E 75 -8.19 -28.07 16.68
CA VAL E 75 -8.40 -29.49 16.49
C VAL E 75 -8.75 -30.18 17.79
N ALA E 76 -7.96 -29.90 18.82
CA ALA E 76 -8.18 -30.51 20.11
C ALA E 76 -9.55 -30.16 20.68
N VAL E 77 -9.90 -28.88 20.67
CA VAL E 77 -11.13 -28.44 21.32
C VAL E 77 -12.33 -28.93 20.55
N GLU E 78 -12.30 -28.84 19.22
CA GLU E 78 -13.37 -29.34 18.36
C GLU E 78 -13.64 -30.82 18.64
N GLU E 79 -12.58 -31.63 18.53
CA GLU E 79 -12.62 -33.06 18.87
C GLU E 79 -13.33 -33.32 20.20
N PHE E 80 -12.91 -32.60 21.23
CA PHE E 80 -13.46 -32.75 22.56
C PHE E 80 -14.93 -32.33 22.59
N PHE E 81 -15.28 -31.30 21.83
CA PHE E 81 -16.70 -30.84 21.81
C PHE E 81 -17.61 -31.83 21.11
N ARG E 82 -17.13 -32.35 19.99
CA ARG E 82 -17.85 -33.34 19.21
C ARG E 82 -18.29 -34.53 20.06
N LYS E 83 -17.39 -35.01 20.91
CA LYS E 83 -17.59 -36.31 21.56
C LYS E 83 -18.33 -36.23 22.89
N THR E 84 -18.49 -35.02 23.40
CA THR E 84 -19.28 -34.78 24.59
C THR E 84 -20.57 -34.01 24.25
N GLY E 85 -20.51 -33.22 23.18
CA GLY E 85 -21.62 -32.38 22.80
C GLY E 85 -21.68 -31.12 23.61
N PHE E 86 -20.56 -30.76 24.25
CA PHE E 86 -20.45 -29.49 24.95
C PHE E 86 -20.15 -28.35 23.97
N THR E 87 -20.54 -27.13 24.33
CA THR E 87 -20.05 -25.96 23.57
C THR E 87 -19.77 -24.71 24.43
N LEU E 88 -18.75 -23.94 24.08
CA LEU E 88 -18.34 -22.81 24.91
C LEU E 88 -17.73 -21.70 24.08
N PRO E 89 -17.86 -20.43 24.51
CA PRO E 89 -17.12 -19.38 23.75
C PRO E 89 -15.64 -19.48 24.09
N VAL E 90 -14.87 -20.00 23.15
CA VAL E 90 -13.49 -20.36 23.37
C VAL E 90 -12.48 -19.41 22.74
N LEU E 91 -11.37 -19.19 23.42
CA LEU E 91 -10.23 -18.46 22.86
C LEU E 91 -9.00 -19.34 22.86
N LEU E 92 -8.23 -19.32 21.79
CA LEU E 92 -7.05 -20.13 21.73
C LEU E 92 -5.82 -19.46 22.40
N ASP E 93 -5.08 -20.26 23.17
CA ASP E 93 -3.85 -19.85 23.81
C ASP E 93 -2.88 -21.02 23.87
N ALA E 94 -2.69 -21.71 22.75
CA ALA E 94 -1.81 -22.87 22.72
C ALA E 94 -0.43 -22.61 23.33
N ASP E 95 0.09 -21.41 23.21
CA ASP E 95 1.45 -21.20 23.70
C ASP E 95 1.61 -20.69 25.16
N LYS E 96 0.48 -20.58 25.90
CA LYS E 96 0.44 -20.40 27.37
C LYS E 96 0.74 -18.96 27.80
N ARG E 97 0.96 -18.12 26.79
CA ARG E 97 1.41 -16.76 27.01
C ARG E 97 0.46 -16.00 27.93
N VAL E 98 -0.84 -15.99 27.61
CA VAL E 98 -1.76 -15.24 28.45
C VAL E 98 -1.89 -15.90 29.83
N GLY E 99 -1.86 -17.23 29.83
CA GLY E 99 -1.73 -18.02 31.04
C GLY E 99 -0.61 -17.48 31.90
N LYS E 100 0.57 -17.33 31.27
CA LYS E 100 1.76 -16.83 31.95
C LYS E 100 1.60 -15.38 32.40
N LEU E 101 0.85 -14.61 31.63
CA LEU E 101 0.58 -13.20 31.91
C LEU E 101 -0.38 -12.95 33.09
N TYR E 102 -1.29 -13.91 33.36
CA TYR E 102 -2.18 -13.89 34.50
C TYR E 102 -1.63 -14.60 35.77
N GLY E 103 -0.41 -15.15 35.72
CA GLY E 103 0.18 -15.85 36.86
C GLY E 103 -0.45 -17.19 37.27
N THR E 104 -1.15 -17.87 36.34
CA THR E 104 -1.78 -19.15 36.64
C THR E 104 -0.76 -20.19 37.13
N THR E 105 -1.20 -21.08 38.03
CA THR E 105 -0.40 -22.14 38.67
C THR E 105 -0.92 -23.51 38.20
N GLY E 106 -2.10 -23.55 37.54
CA GLY E 106 -2.77 -24.81 37.19
C GLY E 106 -4.14 -24.58 36.58
N VAL E 107 -4.85 -25.65 36.20
CA VAL E 107 -6.17 -25.45 35.61
C VAL E 107 -7.27 -26.22 36.35
N PRO E 108 -8.50 -25.68 36.44
CA PRO E 108 -8.95 -24.38 35.97
C PRO E 108 -8.65 -23.26 36.98
N GLU E 109 -8.54 -22.05 36.44
CA GLU E 109 -8.32 -20.86 37.20
C GLU E 109 -9.20 -19.78 36.50
N THR E 110 -10.12 -19.15 37.24
CA THR E 110 -11.06 -18.15 36.66
C THR E 110 -10.99 -16.69 37.22
N PHE E 111 -11.05 -15.68 36.32
CA PHE E 111 -11.00 -14.23 36.62
C PHE E 111 -12.30 -13.46 36.32
N VAL E 112 -12.82 -12.74 37.30
CA VAL E 112 -13.96 -11.88 37.07
C VAL E 112 -13.45 -10.43 36.98
N ILE E 113 -13.87 -9.74 35.92
CA ILE E 113 -13.42 -8.42 35.53
C ILE E 113 -14.61 -7.47 35.49
N ASP E 114 -14.50 -6.30 36.13
CA ASP E 114 -15.64 -5.38 36.17
C ASP E 114 -15.82 -4.49 34.91
N ARG E 115 -16.90 -3.75 34.87
CA ARG E 115 -17.12 -2.76 33.79
C ARG E 115 -15.97 -1.77 33.49
N HIS E 116 -15.07 -1.51 34.44
CA HIS E 116 -13.90 -0.67 34.13
C HIS E 116 -12.63 -1.40 33.67
N GLY E 117 -12.70 -2.73 33.55
CA GLY E 117 -11.54 -3.54 33.11
C GLY E 117 -10.55 -3.93 34.20
N VAL E 118 -10.92 -3.70 35.47
CA VAL E 118 -10.09 -4.13 36.60
C VAL E 118 -10.53 -5.51 37.04
N ILE E 119 -9.58 -6.37 37.47
CA ILE E 119 -9.95 -7.66 38.11
C ILE E 119 -10.72 -7.50 39.46
N LEU E 120 -11.85 -8.17 39.55
CA LEU E 120 -12.64 -8.17 40.73
C LEU E 120 -12.30 -9.35 41.72
N LYS E 121 -12.09 -10.54 41.18
CA LYS E 121 -12.17 -11.76 41.98
C LYS E 121 -11.46 -12.85 41.21
N LYS E 122 -10.60 -13.58 41.91
CA LYS E 122 -9.86 -14.70 41.33
C LYS E 122 -10.37 -16.00 41.93
N VAL E 123 -10.80 -16.94 41.08
CA VAL E 123 -11.27 -18.27 41.52
C VAL E 123 -10.38 -19.43 41.06
N VAL E 124 -9.84 -20.17 42.04
CA VAL E 124 -9.02 -21.36 41.80
C VAL E 124 -9.86 -22.62 41.90
N GLY E 125 -9.61 -23.56 40.99
CA GLY E 125 -10.28 -24.85 41.04
C GLY E 125 -11.66 -24.80 40.43
N ALA E 126 -12.26 -25.97 40.21
CA ALA E 126 -13.57 -26.12 39.59
C ALA E 126 -14.74 -25.69 40.51
N MSE E 127 -15.70 -24.93 39.97
CA MSE E 127 -16.87 -24.50 40.77
C MSE E 127 -18.17 -24.87 40.09
O MSE E 127 -18.19 -25.24 38.91
CB MSE E 127 -16.86 -22.98 41.03
CG MSE E 127 -15.66 -22.48 41.83
SE MSE E 127 -15.64 -23.00 43.75
CE MSE E 127 -16.36 -21.31 44.52
N GLU E 128 -19.26 -24.77 40.84
CA GLU E 128 -20.58 -24.79 40.19
C GLU E 128 -20.94 -23.35 39.79
N TRP E 129 -20.84 -23.01 38.50
CA TRP E 129 -21.01 -21.61 38.10
C TRP E 129 -22.47 -21.16 38.08
N ASP E 130 -23.38 -22.13 38.16
CA ASP E 130 -24.83 -21.93 38.09
C ASP E 130 -25.50 -21.67 39.45
N HIS E 131 -24.77 -21.75 40.56
CA HIS E 131 -25.45 -21.60 41.84
C HIS E 131 -25.99 -20.17 41.98
N PRO E 132 -27.20 -20.01 42.54
CA PRO E 132 -27.86 -18.72 42.77
C PRO E 132 -26.97 -17.57 43.35
N GLU E 133 -26.10 -17.88 44.30
CA GLU E 133 -25.13 -16.88 44.76
C GLU E 133 -24.25 -16.26 43.65
N VAL E 134 -23.76 -17.06 42.71
CA VAL E 134 -22.93 -16.55 41.59
C VAL E 134 -23.80 -15.61 40.73
N ILE E 135 -24.95 -16.13 40.32
CA ILE E 135 -25.95 -15.37 39.58
C ILE E 135 -26.20 -13.97 40.17
N ALA E 136 -26.39 -13.89 41.49
CA ALA E 136 -26.60 -12.61 42.16
C ALA E 136 -25.38 -11.70 42.14
N PHE E 137 -24.19 -12.25 42.36
CA PHE E 137 -22.98 -11.43 42.40
C PHE E 137 -22.81 -10.71 41.07
N LEU E 138 -22.96 -11.48 40.00
CA LEU E 138 -22.88 -11.01 38.65
C LEU E 138 -23.95 -10.02 38.32
N ASN E 139 -25.24 -10.29 38.59
CA ASN E 139 -26.30 -9.26 38.33
C ASN E 139 -26.04 -7.91 39.04
N ASN E 140 -25.55 -8.00 40.28
CA ASN E 140 -25.03 -6.81 40.99
C ASN E 140 -23.88 -6.02 40.29
N GLU E 141 -22.87 -6.74 39.79
CA GLU E 141 -21.83 -6.09 39.02
C GLU E 141 -22.37 -5.49 37.72
N LEU E 142 -23.47 -6.04 37.25
CA LEU E 142 -24.08 -5.52 36.08
C LEU E 142 -24.71 -4.15 36.33
N SER E 143 -25.27 -3.92 37.52
CA SER E 143 -26.12 -2.76 37.79
C SER E 143 -25.39 -1.41 37.73
N LYS E 144 -24.07 -1.45 37.95
CA LYS E 144 -23.24 -0.26 38.26
C LYS E 144 -22.85 0.64 37.06
N ALA E 145 -23.74 1.62 36.78
CA ALA E 145 -23.76 2.46 35.54
C ALA E 145 -23.53 1.67 34.26
N GLU F 5 -11.86 17.11 -15.79
CA GLU F 5 -11.64 17.90 -17.06
C GLU F 5 -12.56 17.35 -18.16
N ASN F 6 -13.87 17.43 -17.95
CA ASN F 6 -14.90 17.06 -18.94
C ASN F 6 -16.21 17.81 -18.65
N PRO F 7 -17.08 17.98 -19.68
CA PRO F 7 -18.25 18.84 -19.49
C PRO F 7 -19.19 18.39 -18.38
N ALA F 8 -19.46 19.31 -17.46
CA ALA F 8 -20.39 19.01 -16.40
C ALA F 8 -21.70 18.46 -17.03
N PRO F 9 -22.21 17.34 -16.49
CA PRO F 9 -23.48 16.75 -16.93
C PRO F 9 -24.65 17.69 -16.64
N ASP F 10 -25.61 17.74 -17.54
CA ASP F 10 -26.61 18.78 -17.50
C ASP F 10 -27.77 18.41 -16.56
N PHE F 11 -28.31 19.41 -15.88
CA PHE F 11 -29.51 19.18 -15.11
C PHE F 11 -30.39 20.39 -15.11
N THR F 12 -31.62 20.18 -14.67
CA THR F 12 -32.68 21.17 -14.64
C THR F 12 -33.36 20.91 -13.31
N LEU F 13 -33.10 21.74 -12.31
CA LEU F 13 -33.68 21.49 -11.01
C LEU F 13 -34.45 22.67 -10.45
N ASN F 14 -35.46 22.37 -9.64
CA ASN F 14 -36.27 23.38 -8.94
C ASN F 14 -35.48 24.14 -7.92
N THR F 15 -35.99 25.31 -7.59
CA THR F 15 -35.35 26.30 -6.71
C THR F 15 -36.16 26.29 -5.40
N LEU F 16 -35.77 26.95 -4.31
CA LEU F 16 -36.70 26.95 -3.16
C LEU F 16 -38.00 27.75 -3.38
N ASN F 17 -38.01 28.64 -4.34
CA ASN F 17 -39.25 29.36 -4.58
C ASN F 17 -39.89 29.25 -5.96
N GLY F 18 -39.86 28.08 -6.55
CA GLY F 18 -40.78 27.80 -7.66
C GLY F 18 -40.19 27.89 -9.05
N GLU F 19 -38.98 28.43 -9.16
CA GLU F 19 -38.27 28.53 -10.44
C GLU F 19 -37.55 27.23 -10.78
N VAL F 20 -36.92 27.23 -11.94
CA VAL F 20 -36.08 26.13 -12.39
C VAL F 20 -34.75 26.74 -12.91
N VAL F 21 -33.66 26.01 -12.86
CA VAL F 21 -32.32 26.52 -13.23
C VAL F 21 -31.68 25.38 -13.98
N LYS F 22 -31.35 25.62 -15.25
CA LYS F 22 -30.67 24.67 -16.14
C LYS F 22 -29.18 25.00 -16.19
N LEU F 23 -28.30 24.01 -16.15
CA LEU F 23 -26.88 24.34 -16.19
C LEU F 23 -26.37 24.91 -17.53
N SER F 24 -26.81 24.37 -18.67
CA SER F 24 -26.38 24.90 -20.00
C SER F 24 -26.61 26.41 -20.17
N ASP F 25 -27.71 26.92 -19.58
CA ASP F 25 -28.02 28.36 -19.65
C ASP F 25 -27.11 29.21 -18.79
N LEU F 26 -26.15 28.60 -18.10
CA LEU F 26 -25.19 29.38 -17.32
C LEU F 26 -23.79 29.52 -17.93
N LYS F 27 -23.55 28.97 -19.13
CA LYS F 27 -22.25 29.17 -19.76
C LYS F 27 -21.94 30.67 -19.90
N GLY F 28 -20.66 31.03 -19.92
CA GLY F 28 -20.29 32.43 -19.75
C GLY F 28 -20.10 32.82 -18.28
N GLN F 29 -20.65 32.02 -17.37
CA GLN F 29 -20.32 32.17 -15.95
C GLN F 29 -19.52 31.00 -15.35
N VAL F 30 -18.78 31.28 -14.27
CA VAL F 30 -18.20 30.19 -13.47
C VAL F 30 -19.24 29.85 -12.42
N VAL F 31 -19.39 28.54 -12.15
CA VAL F 31 -20.45 27.97 -11.31
C VAL F 31 -19.87 27.01 -10.28
N ILE F 32 -20.31 27.11 -9.03
CA ILE F 32 -20.01 26.12 -8.03
C ILE F 32 -21.25 25.22 -7.96
N VAL F 33 -21.07 23.90 -8.10
CA VAL F 33 -22.14 22.94 -7.81
C VAL F 33 -21.73 22.11 -6.58
N ASN F 34 -22.54 22.21 -5.51
CA ASN F 34 -22.24 21.68 -4.21
C ASN F 34 -23.35 20.77 -3.79
N PHE F 35 -23.06 19.48 -3.58
CA PHE F 35 -24.10 18.58 -3.06
C PHE F 35 -24.01 18.50 -1.55
N TRP F 36 -25.14 18.68 -0.84
CA TRP F 36 -25.11 18.68 0.60
C TRP F 36 -26.40 18.05 1.16
N ALA F 37 -26.44 17.84 2.49
CA ALA F 37 -27.69 17.52 3.17
C ALA F 37 -27.81 18.09 4.59
N THR F 38 -29.06 18.21 5.01
CA THR F 38 -29.49 18.76 6.26
C THR F 38 -28.96 17.98 7.46
N TRP F 39 -28.90 16.66 7.35
CA TRP F 39 -28.42 15.79 8.45
C TRP F 39 -26.94 15.56 8.42
N CYS F 40 -26.23 16.10 7.42
CA CYS F 40 -24.78 15.92 7.34
C CYS F 40 -24.04 16.99 8.15
N PRO F 41 -23.40 16.58 9.25
CA PRO F 41 -22.65 17.55 10.09
C PRO F 41 -21.50 18.32 9.39
N PRO F 42 -20.69 17.71 8.50
CA PRO F 42 -19.72 18.66 7.86
C PRO F 42 -20.40 19.61 6.87
N CYS F 43 -21.54 19.20 6.30
CA CYS F 43 -22.33 20.13 5.49
C CYS F 43 -22.69 21.38 6.31
N ARG F 44 -23.42 21.18 7.40
CA ARG F 44 -23.82 22.30 8.27
C ARG F 44 -22.62 23.17 8.65
N GLU F 45 -21.44 22.57 8.76
CA GLU F 45 -20.34 23.26 9.39
C GLU F 45 -19.72 24.28 8.44
N GLU F 46 -19.73 23.96 7.15
CA GLU F 46 -19.15 24.78 6.07
C GLU F 46 -20.07 25.86 5.50
N ILE F 47 -21.34 25.89 5.91
CA ILE F 47 -22.34 26.80 5.33
C ILE F 47 -22.07 28.26 5.59
N PRO F 48 -21.61 28.61 6.81
CA PRO F 48 -21.24 30.02 7.00
C PRO F 48 -20.17 30.57 6.02
N SER F 49 -19.10 29.82 5.76
CA SER F 49 -18.12 30.26 4.76
C SER F 49 -18.63 30.36 3.32
N MSE F 50 -19.57 29.50 2.94
CA MSE F 50 -20.11 29.52 1.58
C MSE F 50 -21.09 30.69 1.41
O MSE F 50 -21.34 31.14 0.31
CB MSE F 50 -20.81 28.20 1.28
CG MSE F 50 -19.90 27.11 0.64
SE MSE F 50 -20.89 25.37 0.65
CE MSE F 50 -22.15 25.63 2.13
N MSE F 51 -21.67 31.16 2.51
CA MSE F 51 -22.49 32.36 2.45
C MSE F 51 -21.60 33.59 2.23
O MSE F 51 -21.95 34.51 1.50
CB MSE F 51 -23.30 32.54 3.72
CG MSE F 51 -24.48 31.60 3.86
SE MSE F 51 -25.24 31.65 5.68
CE MSE F 51 -26.31 33.28 5.69
N ARG F 52 -20.45 33.62 2.89
CA ARG F 52 -19.52 34.73 2.74
C ARG F 52 -18.84 34.77 1.36
N LEU F 53 -18.56 33.59 0.82
CA LEU F 53 -18.07 33.48 -0.53
C LEU F 53 -19.12 34.01 -1.50
N ASN F 54 -20.40 33.72 -1.24
CA ASN F 54 -21.45 34.23 -2.11
C ASN F 54 -21.50 35.72 -2.13
N ALA F 55 -21.47 36.32 -0.94
CA ALA F 55 -21.42 37.77 -0.78
C ALA F 55 -20.26 38.40 -1.55
N ALA F 56 -19.07 37.80 -1.41
CA ALA F 56 -17.85 38.35 -2.02
C ALA F 56 -17.83 38.39 -3.56
N MSE F 57 -18.78 37.69 -4.20
CA MSE F 57 -18.85 37.54 -5.67
C MSE F 57 -19.97 38.36 -6.34
O MSE F 57 -20.21 38.25 -7.53
CB MSE F 57 -19.00 36.05 -6.03
CG MSE F 57 -17.86 35.20 -5.56
SE MSE F 57 -16.18 35.54 -6.57
CE MSE F 57 -14.94 35.81 -5.10
N ALA F 58 -20.64 39.18 -5.54
CA ALA F 58 -21.78 39.95 -6.01
C ALA F 58 -21.38 40.87 -7.15
N GLY F 59 -22.17 40.85 -8.22
CA GLY F 59 -21.89 41.70 -9.37
C GLY F 59 -21.02 40.98 -10.41
N LYS F 60 -20.17 40.08 -9.95
CA LYS F 60 -19.34 39.30 -10.87
C LYS F 60 -20.17 38.22 -11.59
N PRO F 61 -19.73 37.76 -12.79
CA PRO F 61 -20.44 36.68 -13.47
C PRO F 61 -20.08 35.33 -12.81
N PHE F 62 -20.94 34.88 -11.91
CA PHE F 62 -20.63 33.75 -11.07
C PHE F 62 -21.94 33.32 -10.47
N ARG F 63 -22.14 32.00 -10.44
CA ARG F 63 -23.33 31.37 -9.84
C ARG F 63 -22.93 30.18 -9.00
N MSE F 64 -23.41 30.19 -7.75
CA MSE F 64 -23.28 29.06 -6.81
C MSE F 64 -24.64 28.37 -6.80
O MSE F 64 -25.66 29.05 -6.56
CB MSE F 64 -22.97 29.58 -5.40
CG MSE F 64 -22.81 28.47 -4.32
SE MSE F 64 -22.32 29.08 -2.47
CE MSE F 64 -23.81 30.21 -2.09
N LEU F 65 -24.63 27.04 -7.04
CA LEU F 65 -25.82 26.16 -6.89
C LEU F 65 -25.57 25.10 -5.81
N CYS F 66 -26.28 25.21 -4.68
CA CYS F 66 -26.13 24.27 -3.60
C CYS F 66 -27.28 23.27 -3.67
N VAL F 67 -27.01 22.06 -4.18
CA VAL F 67 -28.03 21.06 -4.41
C VAL F 67 -28.27 20.14 -3.15
N SER F 68 -29.49 20.19 -2.62
CA SER F 68 -29.86 19.37 -1.48
C SER F 68 -30.37 17.98 -1.90
N ILE F 69 -29.84 16.95 -1.24
CA ILE F 69 -30.27 15.55 -1.49
C ILE F 69 -31.30 15.04 -0.47
N ASP F 70 -31.62 15.87 0.53
CA ASP F 70 -32.67 15.58 1.53
C ASP F 70 -33.92 14.94 1.01
N GLU F 71 -34.25 13.78 1.57
CA GLU F 71 -35.48 13.09 1.29
C GLU F 71 -36.68 14.04 1.39
N GLY F 72 -36.64 14.91 2.39
CA GLY F 72 -37.73 15.82 2.68
C GLY F 72 -37.87 17.08 1.82
N GLY F 73 -37.06 17.18 0.80
CA GLY F 73 -37.11 18.22 -0.17
C GLY F 73 -37.07 19.64 0.31
N LYS F 74 -37.98 20.40 -0.25
CA LYS F 74 -38.12 21.79 0.02
C LYS F 74 -38.45 22.11 1.46
N VAL F 75 -39.33 21.33 2.05
CA VAL F 75 -39.74 21.52 3.40
C VAL F 75 -38.63 21.24 4.38
N ALA F 76 -37.87 20.20 4.14
CA ALA F 76 -36.76 19.88 5.01
C ALA F 76 -35.76 21.00 5.07
N VAL F 77 -35.51 21.61 3.94
CA VAL F 77 -34.59 22.70 3.83
C VAL F 77 -35.10 24.00 4.43
N GLU F 78 -36.34 24.32 4.15
CA GLU F 78 -36.94 25.52 4.71
C GLU F 78 -36.94 25.45 6.21
N GLU F 79 -37.12 24.25 6.77
CA GLU F 79 -37.16 24.08 8.24
C GLU F 79 -35.78 24.28 8.84
N PHE F 80 -34.78 23.83 8.07
CA PHE F 80 -33.41 23.87 8.49
C PHE F 80 -32.90 25.29 8.47
N PHE F 81 -33.24 26.02 7.38
CA PHE F 81 -32.84 27.44 7.29
C PHE F 81 -33.51 28.24 8.41
N ARG F 82 -34.80 28.04 8.66
CA ARG F 82 -35.46 28.81 9.69
C ARG F 82 -34.78 28.68 11.04
N LYS F 83 -34.46 27.46 11.46
CA LYS F 83 -33.87 27.20 12.80
C LYS F 83 -32.41 27.66 12.87
N THR F 84 -31.69 27.65 11.75
CA THR F 84 -30.31 28.06 11.84
C THR F 84 -30.04 29.55 11.54
N GLY F 85 -30.99 30.22 10.88
CA GLY F 85 -30.75 31.49 10.22
C GLY F 85 -29.80 31.39 9.04
N PHE F 86 -29.69 30.24 8.37
CA PHE F 86 -28.83 30.24 7.16
C PHE F 86 -29.63 30.57 5.95
N THR F 87 -28.95 30.99 4.88
CA THR F 87 -29.57 31.17 3.58
C THR F 87 -28.57 30.91 2.46
N LEU F 88 -28.93 30.05 1.50
CA LEU F 88 -28.10 29.75 0.35
C LEU F 88 -28.96 29.62 -0.93
N PRO F 89 -28.35 29.77 -2.12
CA PRO F 89 -29.14 29.55 -3.34
C PRO F 89 -29.31 28.07 -3.56
N VAL F 90 -30.47 27.52 -3.17
CA VAL F 90 -30.68 26.06 -3.11
C VAL F 90 -31.32 25.49 -4.38
N LEU F 91 -31.01 24.25 -4.63
CA LEU F 91 -31.66 23.44 -5.68
C LEU F 91 -32.04 22.14 -5.04
N LEU F 92 -33.17 21.53 -5.45
CA LEU F 92 -33.60 20.23 -4.89
C LEU F 92 -33.37 18.95 -5.76
N ASP F 93 -32.70 17.95 -5.14
CA ASP F 93 -32.44 16.61 -5.75
C ASP F 93 -32.79 15.50 -4.74
N ALA F 94 -34.09 15.40 -4.39
CA ALA F 94 -34.62 14.47 -3.35
C ALA F 94 -34.43 12.99 -3.70
N ASP F 95 -34.69 12.64 -4.96
CA ASP F 95 -34.56 11.28 -5.42
C ASP F 95 -33.12 10.96 -5.87
N LYS F 96 -32.19 11.86 -5.61
CA LYS F 96 -30.73 11.61 -5.79
C LYS F 96 -30.23 11.36 -7.23
N ARG F 97 -31.11 11.45 -8.22
CA ARG F 97 -30.72 11.19 -9.61
C ARG F 97 -29.44 11.96 -10.06
N VAL F 98 -29.40 13.28 -9.81
CA VAL F 98 -28.28 14.17 -10.17
C VAL F 98 -27.03 13.89 -9.33
N GLY F 99 -27.29 13.58 -8.07
CA GLY F 99 -26.25 13.06 -7.21
C GLY F 99 -25.54 11.94 -7.93
N LYS F 100 -26.31 10.95 -8.37
CA LYS F 100 -25.74 9.78 -9.00
C LYS F 100 -24.99 10.21 -10.23
N LEU F 101 -25.63 11.11 -10.99
CA LEU F 101 -25.11 11.56 -12.30
C LEU F 101 -23.70 12.11 -12.16
N TYR F 102 -23.44 12.76 -11.02
CA TYR F 102 -22.15 13.35 -10.67
C TYR F 102 -21.21 12.35 -10.00
N GLY F 103 -21.59 11.07 -10.02
CA GLY F 103 -20.84 10.00 -9.35
C GLY F 103 -20.50 10.26 -7.88
N THR F 104 -21.35 10.98 -7.14
CA THR F 104 -21.08 11.19 -5.72
C THR F 104 -21.11 9.91 -4.83
N THR F 105 -20.42 9.99 -3.72
CA THR F 105 -20.18 8.85 -2.89
C THR F 105 -20.77 9.15 -1.52
N GLY F 106 -21.00 10.43 -1.26
CA GLY F 106 -21.36 10.94 0.05
C GLY F 106 -21.41 12.45 -0.06
N VAL F 107 -21.44 13.15 1.06
CA VAL F 107 -21.61 14.58 1.03
C VAL F 107 -20.83 15.18 2.22
N PRO F 108 -20.30 16.43 2.04
CA PRO F 108 -20.47 17.23 0.87
C PRO F 108 -19.48 16.93 -0.22
N GLU F 109 -19.86 17.29 -1.45
CA GLU F 109 -19.07 17.07 -2.64
C GLU F 109 -19.34 18.28 -3.54
N THR F 110 -18.27 18.92 -4.00
CA THR F 110 -18.41 20.24 -4.57
C THR F 110 -17.57 20.29 -5.82
N PHE F 111 -18.18 20.81 -6.89
CA PHE F 111 -17.56 20.82 -8.19
C PHE F 111 -17.36 22.24 -8.70
N VAL F 112 -16.18 22.56 -9.22
CA VAL F 112 -15.97 23.89 -9.78
C VAL F 112 -16.03 23.78 -11.27
N ILE F 113 -16.82 24.67 -11.88
CA ILE F 113 -17.12 24.64 -13.30
C ILE F 113 -16.76 25.98 -13.97
N ASP F 114 -16.22 25.91 -15.20
CA ASP F 114 -15.75 27.12 -15.91
C ASP F 114 -16.80 27.78 -16.88
N ARG F 115 -16.57 29.00 -17.35
CA ARG F 115 -17.52 29.65 -18.28
C ARG F 115 -17.90 28.83 -19.50
N HIS F 116 -17.04 27.89 -19.91
CA HIS F 116 -17.34 27.07 -21.08
C HIS F 116 -18.14 25.83 -20.70
N GLY F 117 -18.39 25.65 -19.40
CA GLY F 117 -19.20 24.53 -18.91
C GLY F 117 -18.44 23.32 -18.37
N VAL F 118 -17.16 23.53 -18.06
CA VAL F 118 -16.22 22.42 -17.86
C VAL F 118 -15.82 22.25 -16.42
N ILE F 119 -15.80 21.01 -15.95
CA ILE F 119 -15.42 20.76 -14.55
C ILE F 119 -13.94 21.02 -14.41
N LEU F 120 -13.59 21.99 -13.57
CA LEU F 120 -12.20 22.22 -13.20
C LEU F 120 -11.72 21.42 -11.97
N LYS F 121 -12.48 21.44 -10.88
CA LYS F 121 -11.97 20.96 -9.60
C LYS F 121 -13.08 20.23 -8.89
N LYS F 122 -12.75 19.12 -8.26
CA LYS F 122 -13.73 18.38 -7.47
C LYS F 122 -13.23 18.33 -6.04
N VAL F 123 -14.09 18.70 -5.09
CA VAL F 123 -13.66 18.82 -3.69
C VAL F 123 -14.60 18.01 -2.81
N VAL F 124 -14.02 17.09 -2.00
CA VAL F 124 -14.80 16.30 -1.03
C VAL F 124 -14.65 16.84 0.41
N GLY F 125 -15.78 16.95 1.11
CA GLY F 125 -15.83 17.44 2.49
C GLY F 125 -15.80 18.93 2.71
N ALA F 126 -15.92 19.34 3.96
CA ALA F 126 -15.95 20.75 4.35
C ALA F 126 -14.66 21.47 4.00
N MSE F 127 -14.81 22.60 3.33
CA MSE F 127 -13.70 23.53 3.15
C MSE F 127 -14.05 24.84 3.82
O MSE F 127 -15.07 24.94 4.51
CB MSE F 127 -13.40 23.74 1.67
CG MSE F 127 -12.65 22.58 1.02
SE MSE F 127 -11.22 21.67 2.08
CE MSE F 127 -9.87 23.09 2.20
N GLU F 128 -13.20 25.84 3.65
CA GLU F 128 -13.44 27.18 4.16
C GLU F 128 -13.40 28.14 2.96
N TRP F 129 -14.58 28.32 2.37
CA TRP F 129 -14.74 28.75 0.98
C TRP F 129 -14.52 30.23 0.69
N ASP F 130 -14.34 31.00 1.78
CA ASP F 130 -14.14 32.46 1.72
C ASP F 130 -12.67 32.81 1.87
N HIS F 131 -11.82 31.80 2.00
CA HIS F 131 -10.40 32.03 2.23
C HIS F 131 -9.81 32.66 1.00
N PRO F 132 -8.87 33.61 1.21
CA PRO F 132 -8.32 34.43 0.16
C PRO F 132 -7.85 33.60 -1.03
N GLU F 133 -7.22 32.45 -0.76
CA GLU F 133 -6.77 31.54 -1.84
C GLU F 133 -7.92 31.01 -2.72
N VAL F 134 -9.11 30.82 -2.14
CA VAL F 134 -10.31 30.44 -2.92
C VAL F 134 -10.75 31.59 -3.82
N ILE F 135 -11.06 32.74 -3.18
CA ILE F 135 -11.46 33.98 -3.86
C ILE F 135 -10.59 34.24 -5.09
N ALA F 136 -9.28 34.16 -4.86
CA ALA F 136 -8.25 34.42 -5.86
C ALA F 136 -8.34 33.49 -7.08
N PHE F 137 -8.41 32.19 -6.81
CA PHE F 137 -8.58 31.19 -7.85
C PHE F 137 -9.81 31.46 -8.75
N LEU F 138 -10.96 31.77 -8.14
CA LEU F 138 -12.18 32.13 -8.89
C LEU F 138 -12.11 33.45 -9.67
N ASN F 139 -11.43 34.46 -9.09
CA ASN F 139 -11.30 35.76 -9.72
C ASN F 139 -10.52 35.60 -11.01
N ASN F 140 -9.43 34.82 -10.96
CA ASN F 140 -8.63 34.48 -12.14
C ASN F 140 -9.47 33.88 -13.28
N GLU F 141 -10.60 33.27 -12.93
CA GLU F 141 -11.57 32.79 -13.91
C GLU F 141 -12.59 33.87 -14.27
N LEU F 142 -12.89 34.71 -13.29
CA LEU F 142 -13.97 35.68 -13.36
C LEU F 142 -14.16 36.29 -11.99
S SO4 G . 24.14 10.60 -6.50
O1 SO4 G . 24.40 11.46 -5.33
O2 SO4 G . 23.54 11.45 -7.53
O3 SO4 G . 25.37 9.92 -6.88
O4 SO4 G . 23.18 9.60 -6.10
S SO4 H . -8.87 -0.16 20.14
O1 SO4 H . -7.58 -0.24 20.81
O2 SO4 H . -8.66 0.44 18.81
O3 SO4 H . -9.43 -1.50 20.01
O4 SO4 H . -9.81 0.67 20.91
S SO4 I . 19.60 -19.81 -13.80
O1 SO4 I . 19.08 -18.99 -12.71
O2 SO4 I . 19.99 -18.95 -14.88
O3 SO4 I . 20.79 -20.53 -13.34
O4 SO4 I . 18.58 -20.76 -14.19
S SO4 J . 11.28 36.59 -17.74
O1 SO4 J . 11.77 37.86 -18.18
O2 SO4 J . 10.02 36.27 -18.40
O3 SO4 J . 12.21 35.58 -18.18
O4 SO4 J . 11.17 36.62 -16.29
S SO4 K . -0.59 -29.45 26.75
O1 SO4 K . 0.70 -29.05 26.18
O2 SO4 K . -1.69 -28.94 25.97
O3 SO4 K . -0.73 -30.89 26.68
O4 SO4 K . -0.67 -29.06 28.16
S SO4 L . -32.20 11.05 3.09
O1 SO4 L . -32.79 12.36 3.32
O2 SO4 L . -32.77 10.40 1.92
O3 SO4 L . -30.79 11.18 2.86
O4 SO4 L . -32.37 10.24 4.28
#